data_2L9X
#
_entry.id   2L9X
#
_entity_poly.entity_id   1
_entity_poly.type   'polypeptide(L)'
_entity_poly.pdbx_seq_one_letter_code
;GNAACVIGCIGSCVISEGIGSLVGTAF(DTH)LG
;
_entity_poly.pdbx_strand_id   A
#
# COMPACT_ATOMS: atom_id res chain seq x y z
N GLY A 1 7.82 -5.91 6.06
CA GLY A 1 6.45 -5.86 5.60
C GLY A 1 5.64 -7.06 6.06
N ASN A 2 4.66 -6.82 6.92
CA ASN A 2 3.81 -7.89 7.43
C ASN A 2 2.76 -8.29 6.41
N ALA A 3 2.07 -9.40 6.67
CA ALA A 3 1.03 -9.88 5.76
C ALA A 3 -0.15 -8.92 5.72
N ALA A 4 -0.33 -8.16 6.80
CA ALA A 4 -1.43 -7.20 6.87
C ALA A 4 -1.23 -6.06 5.89
N CYS A 5 0.02 -5.62 5.75
CA CYS A 5 0.35 -4.52 4.84
C CYS A 5 0.03 -4.90 3.40
N VAL A 6 0.31 -6.14 3.04
CA VAL A 6 0.05 -6.64 1.69
C VAL A 6 -1.42 -6.47 1.33
N ILE A 7 -2.30 -6.80 2.25
CA ILE A 7 -3.74 -6.69 2.02
C ILE A 7 -4.16 -5.23 1.89
N GLY A 8 -3.52 -4.36 2.67
CA GLY A 8 -3.83 -2.94 2.62
C GLY A 8 -3.35 -2.28 1.35
N CYS A 9 -2.17 -2.68 0.89
CA CYS A 9 -1.59 -2.13 -0.33
C CYS A 9 -2.55 -2.29 -1.51
N ILE A 10 -3.40 -3.31 -1.43
CA ILE A 10 -4.36 -3.57 -2.49
C ILE A 10 -5.32 -2.40 -2.68
N GLY A 11 -5.55 -1.65 -1.61
CA GLY A 11 -6.44 -0.51 -1.68
C GLY A 11 -5.82 0.74 -1.10
N SER A 12 -4.49 0.74 -0.99
CA SER A 12 -3.77 1.89 -0.44
C SER A 12 -3.48 2.92 -1.53
N CYS A 13 -3.20 2.44 -2.73
CA CYS A 13 -2.90 3.31 -3.85
C CYS A 13 -4.11 4.19 -4.19
N VAL A 14 -5.30 3.71 -3.87
CA VAL A 14 -6.52 4.44 -4.13
C VAL A 14 -6.75 5.52 -3.08
N ILE A 15 -6.68 5.13 -1.82
CA ILE A 15 -6.88 6.06 -0.71
C ILE A 15 -5.74 7.06 -0.63
N SER A 16 -4.58 6.66 -1.14
CA SER A 16 -3.40 7.53 -1.12
C SER A 16 -3.27 8.31 -2.42
N GLU A 17 -3.83 7.74 -3.50
CA GLU A 17 -3.78 8.40 -4.80
C GLU A 17 -2.35 8.81 -5.15
N GLY A 18 -1.42 7.86 -5.07
CA GLY A 18 -0.04 8.15 -5.38
C GLY A 18 0.27 7.97 -6.85
N ILE A 19 1.57 7.93 -7.18
CA ILE A 19 2.00 7.77 -8.56
C ILE A 19 1.73 6.35 -9.05
N GLY A 20 2.07 5.36 -8.23
CA GLY A 20 1.85 3.98 -8.62
C GLY A 20 1.55 3.09 -7.41
N SER A 21 0.73 2.08 -7.63
CA SER A 21 0.35 1.16 -6.56
C SER A 21 1.58 0.46 -5.99
N LEU A 22 2.58 0.27 -6.83
CA LEU A 22 3.82 -0.39 -6.41
C LEU A 22 4.46 0.35 -5.24
N VAL A 23 4.21 1.65 -5.17
CA VAL A 23 4.76 2.48 -4.11
C VAL A 23 3.88 2.45 -2.87
N GLY A 24 2.59 2.21 -3.08
CA GLY A 24 1.65 2.16 -1.96
C GLY A 24 1.97 1.03 -1.00
N THR A 25 2.54 -0.05 -1.52
CA THR A 25 2.89 -1.20 -0.70
C THR A 25 3.82 -0.80 0.44
N ALA A 26 4.53 0.31 0.26
CA ALA A 26 5.45 0.79 1.27
C ALA A 26 4.70 1.39 2.46
N PHE A 27 3.53 1.96 2.19
CA PHE A 27 2.72 2.56 3.24
C PHE A 27 2.30 1.52 4.27
N DTH A 28 2.21 0.27 3.84
CA DTH A 28 1.83 -0.82 4.72
CB DTH A 28 0.33 -0.75 5.08
CG2 DTH A 28 -0.51 -0.48 3.84
OG1 DTH A 28 0.11 0.28 6.05
C DTH A 28 2.66 -0.81 6.01
O DTH A 28 2.16 -1.17 7.08
H DTH A 28 2.42 0.07 2.90
HB DTH A 28 0.03 -1.71 5.50
HG21 DTH A 28 -0.44 0.56 3.59
HG22 DTH A 28 -0.15 -1.09 3.02
HG23 DTH A 28 -1.54 -0.73 4.05
HG1 DTH A 28 -0.83 0.34 6.25
N LEU A 29 3.91 -0.39 5.89
CA LEU A 29 4.80 -0.33 7.05
C LEU A 29 4.30 0.69 8.07
N GLY A 30 4.35 1.96 7.70
CA GLY A 30 3.90 3.01 8.60
C GLY A 30 2.53 3.53 8.23
N GLY A 1 8.14 -9.30 3.25
CA GLY A 1 6.99 -8.44 3.47
C GLY A 1 6.03 -9.01 4.50
N ASN A 2 5.49 -8.15 5.34
CA ASN A 2 4.56 -8.57 6.38
C ASN A 2 3.16 -8.78 5.80
N ALA A 3 2.56 -9.93 6.11
CA ALA A 3 1.22 -10.25 5.62
C ALA A 3 0.22 -9.16 6.02
N ALA A 4 0.50 -8.48 7.13
CA ALA A 4 -0.38 -7.42 7.61
C ALA A 4 -0.34 -6.22 6.68
N CYS A 5 0.83 -5.91 6.16
CA CYS A 5 0.99 -4.78 5.25
C CYS A 5 0.16 -4.98 3.98
N VAL A 6 0.00 -6.23 3.58
CA VAL A 6 -0.79 -6.54 2.39
C VAL A 6 -2.19 -5.96 2.47
N ILE A 7 -2.81 -6.10 3.65
CA ILE A 7 -4.15 -5.58 3.85
C ILE A 7 -4.19 -4.06 3.74
N GLY A 8 -3.03 -3.43 3.98
CA GLY A 8 -2.95 -1.99 3.89
C GLY A 8 -2.63 -1.50 2.49
N CYS A 9 -2.09 -2.40 1.67
CA CYS A 9 -1.73 -2.06 0.30
C CYS A 9 -2.70 -2.70 -0.69
N ILE A 10 -3.91 -2.97 -0.23
CA ILE A 10 -4.93 -3.58 -1.08
C ILE A 10 -5.33 -2.65 -2.22
N GLY A 11 -5.27 -1.35 -1.97
CA GLY A 11 -5.62 -0.37 -2.99
C GLY A 11 -5.69 1.04 -2.42
N SER A 12 -4.75 1.38 -1.57
CA SER A 12 -4.72 2.71 -0.96
C SER A 12 -4.23 3.76 -1.96
N CYS A 13 -3.03 3.55 -2.49
CA CYS A 13 -2.45 4.47 -3.46
C CYS A 13 -3.39 4.67 -4.64
N VAL A 14 -4.22 3.68 -4.91
CA VAL A 14 -5.17 3.75 -6.02
C VAL A 14 -6.34 4.66 -5.67
N ILE A 15 -6.99 4.40 -4.54
CA ILE A 15 -8.12 5.20 -4.09
C ILE A 15 -7.70 6.64 -3.80
N SER A 16 -6.41 6.82 -3.51
CA SER A 16 -5.88 8.14 -3.21
C SER A 16 -5.31 8.80 -4.46
N GLU A 17 -4.93 7.98 -5.44
CA GLU A 17 -4.36 8.48 -6.69
C GLU A 17 -3.24 9.46 -6.41
N GLY A 18 -2.25 9.04 -5.62
CA GLY A 18 -1.13 9.88 -5.30
C GLY A 18 0.10 9.55 -6.10
N ILE A 19 1.11 8.98 -5.44
CA ILE A 19 2.35 8.60 -6.10
C ILE A 19 2.15 7.39 -7.00
N GLY A 20 1.69 6.30 -6.42
CA GLY A 20 1.46 5.09 -7.19
C GLY A 20 1.13 3.90 -6.31
N SER A 21 0.38 2.94 -6.86
CA SER A 21 -0.01 1.75 -6.13
C SER A 21 1.21 0.89 -5.79
N LEU A 22 2.13 0.79 -6.75
CA LEU A 22 3.34 0.00 -6.56
C LEU A 22 4.11 0.48 -5.33
N VAL A 23 4.21 1.80 -5.16
CA VAL A 23 4.91 2.39 -4.04
C VAL A 23 4.02 2.46 -2.80
N GLY A 24 2.71 2.48 -3.03
CA GLY A 24 1.78 2.55 -1.92
C GLY A 24 2.02 1.47 -0.89
N THR A 25 2.43 0.29 -1.35
CA THR A 25 2.70 -0.83 -0.46
C THR A 25 3.75 -0.45 0.58
N ALA A 26 4.56 0.54 0.27
CA ALA A 26 5.60 0.99 1.18
C ALA A 26 5.01 1.41 2.53
N PHE A 27 3.74 1.80 2.52
CA PHE A 27 3.06 2.23 3.74
C PHE A 27 3.13 1.13 4.81
N DTH A 28 2.85 -0.10 4.40
CA DTH A 28 2.89 -1.23 5.33
CB DTH A 28 1.69 -1.19 6.30
CG2 DTH A 28 0.40 -0.88 5.56
OG1 DTH A 28 1.93 -0.20 7.31
C DTH A 28 4.18 -1.25 6.12
O DTH A 28 4.21 -1.67 7.29
H DTH A 28 2.63 -0.26 3.46
HB DTH A 28 1.61 -2.16 6.77
HG21 DTH A 28 0.25 0.19 5.52
HG22 DTH A 28 0.46 -1.28 4.55
HG23 DTH A 28 -0.43 -1.34 6.07
HG1 DTH A 28 1.08 0.03 7.71
N LEU A 29 5.26 -0.79 5.50
CA LEU A 29 6.57 -0.75 6.16
C LEU A 29 6.93 0.66 6.58
N GLY A 30 6.33 1.13 7.67
CA GLY A 30 6.61 2.47 8.16
C GLY A 30 6.69 2.53 9.66
N GLY A 1 5.82 -7.35 3.72
CA GLY A 1 6.42 -8.26 4.67
C GLY A 1 5.38 -8.99 5.50
N ASN A 2 4.74 -8.27 6.42
CA ASN A 2 3.71 -8.86 7.28
C ASN A 2 2.38 -8.98 6.54
N ALA A 3 1.57 -9.94 6.96
CA ALA A 3 0.27 -10.16 6.33
C ALA A 3 -0.62 -8.93 6.46
N ALA A 4 -0.35 -8.12 7.47
CA ALA A 4 -1.12 -6.90 7.70
C ALA A 4 -0.86 -5.87 6.61
N CYS A 5 0.39 -5.76 6.19
CA CYS A 5 0.78 -4.81 5.15
C CYS A 5 0.12 -5.17 3.83
N VAL A 6 0.06 -6.46 3.52
CA VAL A 6 -0.55 -6.94 2.28
C VAL A 6 -1.98 -6.44 2.15
N ILE A 7 -2.78 -6.68 3.18
CA ILE A 7 -4.17 -6.26 3.19
C ILE A 7 -4.29 -4.74 3.10
N GLY A 8 -3.24 -4.05 3.53
CA GLY A 8 -3.24 -2.59 3.49
C GLY A 8 -2.73 -2.05 2.18
N CYS A 9 -2.02 -2.88 1.43
CA CYS A 9 -1.46 -2.47 0.14
C CYS A 9 -2.27 -3.07 -1.00
N ILE A 10 -3.52 -3.42 -0.73
CA ILE A 10 -4.39 -4.01 -1.74
C ILE A 10 -4.70 -3.01 -2.85
N GLY A 11 -5.32 -1.89 -2.47
CA GLY A 11 -5.65 -0.86 -3.44
C GLY A 11 -5.76 0.51 -2.82
N SER A 12 -5.16 0.68 -1.65
CA SER A 12 -5.20 1.95 -0.95
C SER A 12 -4.40 3.01 -1.71
N CYS A 13 -3.26 2.62 -2.24
CA CYS A 13 -2.41 3.53 -2.99
C CYS A 13 -3.21 4.24 -4.08
N VAL A 14 -4.21 3.56 -4.61
CA VAL A 14 -5.06 4.12 -5.66
C VAL A 14 -6.16 5.00 -5.07
N ILE A 15 -6.76 4.53 -3.97
CA ILE A 15 -7.82 5.27 -3.31
C ILE A 15 -7.31 6.60 -2.76
N SER A 16 -6.00 6.67 -2.50
CA SER A 16 -5.39 7.88 -1.98
C SER A 16 -4.80 8.72 -3.10
N GLU A 17 -5.36 8.58 -4.30
CA GLU A 17 -4.88 9.33 -5.46
C GLU A 17 -3.37 9.21 -5.61
N GLY A 18 -2.84 8.03 -5.28
CA GLY A 18 -1.42 7.80 -5.38
C GLY A 18 -1.00 7.36 -6.78
N ILE A 19 -0.15 8.14 -7.42
CA ILE A 19 0.32 7.82 -8.76
C ILE A 19 1.23 6.59 -8.74
N GLY A 20 2.05 6.49 -7.71
CA GLY A 20 2.95 5.36 -7.58
C GLY A 20 2.49 4.35 -6.54
N SER A 21 1.43 3.62 -6.87
CA SER A 21 0.89 2.63 -5.95
C SER A 21 1.98 1.68 -5.48
N LEU A 22 2.96 1.44 -6.33
CA LEU A 22 4.07 0.54 -6.00
C LEU A 22 4.75 0.97 -4.70
N VAL A 23 4.67 2.27 -4.41
CA VAL A 23 5.29 2.82 -3.20
C VAL A 23 4.35 2.66 -2.00
N GLY A 24 3.05 2.62 -2.28
CA GLY A 24 2.07 2.48 -1.21
C GLY A 24 2.31 1.25 -0.37
N THR A 25 2.62 0.13 -1.03
CA THR A 25 2.86 -1.13 -0.34
C THR A 25 3.99 -0.98 0.68
N ALA A 26 4.85 0.01 0.47
CA ALA A 26 5.97 0.26 1.36
C ALA A 26 5.50 0.83 2.69
N PHE A 27 4.34 1.49 2.67
CA PHE A 27 3.78 2.08 3.88
C PHE A 27 3.40 0.99 4.89
N DTH A 28 3.11 -0.20 4.38
CA DTH A 28 2.74 -1.31 5.25
CB DTH A 28 1.32 -1.12 5.84
CG2 DTH A 28 0.35 -0.66 4.76
OG1 DTH A 28 1.36 -0.16 6.90
C DTH A 28 3.73 -1.49 6.39
O DTH A 28 3.36 -1.88 7.50
H DTH A 28 3.15 -0.32 3.42
HB DTH A 28 0.98 -2.06 6.23
HG21 DTH A 28 0.28 -1.42 3.99
HG22 DTH A 28 -0.62 -0.50 5.20
HG23 DTH A 28 0.71 0.25 4.32
HG1 DTH A 28 1.42 0.72 6.52
N LEU A 29 5.00 -1.19 6.12
CA LEU A 29 6.05 -1.32 7.12
C LEU A 29 6.68 0.03 7.41
N GLY A 30 6.69 0.91 6.41
CA GLY A 30 7.28 2.23 6.57
C GLY A 30 6.23 3.33 6.61
N GLY A 1 6.46 -8.33 4.24
CA GLY A 1 6.54 -8.86 5.59
C GLY A 1 5.25 -9.50 6.04
N ASN A 2 4.41 -8.73 6.72
CA ASN A 2 3.13 -9.24 7.20
C ASN A 2 2.08 -9.25 6.10
N ALA A 3 1.19 -10.25 6.14
CA ALA A 3 0.14 -10.36 5.14
C ALA A 3 -0.84 -9.21 5.24
N ALA A 4 -0.95 -8.63 6.43
CA ALA A 4 -1.87 -7.51 6.66
C ALA A 4 -1.40 -6.26 5.91
N CYS A 5 -0.10 -6.01 5.94
CA CYS A 5 0.47 -4.85 5.27
C CYS A 5 0.23 -4.92 3.77
N VAL A 6 0.40 -6.12 3.20
CA VAL A 6 0.20 -6.31 1.77
C VAL A 6 -1.20 -5.89 1.34
N ILE A 7 -2.20 -6.30 2.11
CA ILE A 7 -3.59 -5.96 1.83
C ILE A 7 -3.82 -4.46 1.94
N GLY A 8 -3.05 -3.81 2.82
CA GLY A 8 -3.19 -2.39 3.02
C GLY A 8 -2.68 -1.59 1.85
N CYS A 9 -1.83 -2.21 1.03
CA CYS A 9 -1.27 -1.55 -0.14
C CYS A 9 -2.35 -1.27 -1.18
N ILE A 10 -3.23 -2.23 -1.39
CA ILE A 10 -4.31 -2.08 -2.36
C ILE A 10 -5.27 -0.97 -1.95
N GLY A 11 -5.33 -0.70 -0.65
CA GLY A 11 -6.21 0.34 -0.14
C GLY A 11 -5.50 1.68 -0.01
N SER A 12 -4.18 1.64 0.07
CA SER A 12 -3.39 2.86 0.21
C SER A 12 -3.11 3.48 -1.16
N CYS A 13 -3.06 2.63 -2.19
CA CYS A 13 -2.80 3.10 -3.54
C CYS A 13 -4.06 3.71 -4.16
N VAL A 14 -5.18 3.01 -4.01
CA VAL A 14 -6.45 3.48 -4.55
C VAL A 14 -6.74 4.90 -4.10
N ILE A 15 -6.41 5.21 -2.85
CA ILE A 15 -6.64 6.54 -2.30
C ILE A 15 -5.73 7.57 -2.96
N SER A 16 -4.57 7.12 -3.42
CA SER A 16 -3.60 8.00 -4.06
C SER A 16 -3.75 7.93 -5.59
N GLU A 17 -4.97 7.70 -6.04
CA GLU A 17 -5.25 7.62 -7.48
C GLU A 17 -4.28 6.66 -8.16
N GLY A 18 -3.85 5.64 -7.43
CA GLY A 18 -2.93 4.66 -7.98
C GLY A 18 -1.69 5.32 -8.57
N ILE A 19 -1.34 6.49 -8.06
CA ILE A 19 -0.17 7.21 -8.55
C ILE A 19 1.12 6.53 -8.10
N GLY A 20 1.05 5.81 -6.99
CA GLY A 20 2.22 5.12 -6.48
C GLY A 20 1.86 3.85 -5.74
N SER A 21 1.36 2.86 -6.48
CA SER A 21 0.97 1.58 -5.88
C SER A 21 2.19 0.83 -5.37
N LEU A 22 3.24 0.79 -6.18
CA LEU A 22 4.48 0.11 -5.80
C LEU A 22 5.01 0.63 -4.47
N VAL A 23 4.76 1.90 -4.19
CA VAL A 23 5.20 2.52 -2.96
C VAL A 23 4.22 2.25 -1.82
N GLY A 24 2.95 2.07 -2.17
CA GLY A 24 1.93 1.80 -1.17
C GLY A 24 2.21 0.53 -0.39
N THR A 25 2.74 -0.48 -1.07
CA THR A 25 3.05 -1.75 -0.43
C THR A 25 4.01 -1.55 0.74
N ALA A 26 4.75 -0.45 0.71
CA ALA A 26 5.71 -0.15 1.78
C ALA A 26 5.03 0.55 2.94
N PHE A 27 3.93 1.24 2.65
CA PHE A 27 3.18 1.96 3.68
C PHE A 27 2.82 1.03 4.83
N DTH A 28 2.65 -0.25 4.53
CA DTH A 28 2.31 -1.23 5.54
CB DTH A 28 0.85 -1.07 6.01
CG2 DTH A 28 -0.08 -0.89 4.82
OG1 DTH A 28 0.74 0.05 6.89
C DTH A 28 3.23 -1.13 6.75
O DTH A 28 2.83 -1.40 7.89
H DTH A 28 2.77 -0.54 3.60
HB DTH A 28 0.55 -1.97 6.54
HG21 DTH A 28 0.43 -1.18 3.91
HG22 DTH A 28 -0.96 -1.51 4.95
HG23 DTH A 28 -0.37 0.14 4.76
HG1 DTH A 28 0.44 -0.25 7.75
N LEU A 29 4.48 -0.74 6.51
CA LEU A 29 5.46 -0.60 7.58
C LEU A 29 5.85 0.86 7.76
N GLY A 30 5.79 1.63 6.68
CA GLY A 30 6.15 3.03 6.75
C GLY A 30 6.10 3.71 5.39
N GLY A 1 5.58 -6.61 0.59
CA GLY A 1 6.28 -6.84 1.85
C GLY A 1 5.67 -7.98 2.65
N ASN A 2 5.22 -7.67 3.86
CA ASN A 2 4.62 -8.67 4.73
C ASN A 2 3.16 -8.90 4.36
N ALA A 3 2.60 -10.02 4.82
CA ALA A 3 1.20 -10.35 4.54
C ALA A 3 0.27 -9.30 5.13
N ALA A 4 0.73 -8.62 6.18
CA ALA A 4 -0.07 -7.59 6.84
C ALA A 4 -0.21 -6.37 5.95
N CYS A 5 0.91 -5.90 5.40
CA CYS A 5 0.91 -4.73 4.53
C CYS A 5 0.07 -4.98 3.29
N VAL A 6 0.06 -6.22 2.82
CA VAL A 6 -0.71 -6.59 1.63
C VAL A 6 -2.19 -6.26 1.82
N ILE A 7 -2.73 -6.56 2.99
CA ILE A 7 -4.13 -6.29 3.30
C ILE A 7 -4.40 -4.80 3.36
N GLY A 8 -3.35 -4.02 3.65
CA GLY A 8 -3.50 -2.58 3.74
C GLY A 8 -3.24 -1.89 2.41
N CYS A 9 -2.54 -2.59 1.52
CA CYS A 9 -2.20 -2.04 0.21
C CYS A 9 -3.08 -2.65 -0.87
N ILE A 10 -4.27 -3.11 -0.48
CA ILE A 10 -5.20 -3.73 -1.42
C ILE A 10 -5.69 -2.70 -2.44
N GLY A 11 -6.05 -1.52 -1.97
CA GLY A 11 -6.54 -0.48 -2.86
C GLY A 11 -6.18 0.91 -2.37
N SER A 12 -5.19 0.99 -1.49
CA SER A 12 -4.75 2.28 -0.94
C SER A 12 -4.20 3.17 -2.04
N CYS A 13 -3.47 2.58 -2.97
CA CYS A 13 -2.88 3.32 -4.07
C CYS A 13 -3.94 4.15 -4.80
N VAL A 14 -5.16 3.63 -4.84
CA VAL A 14 -6.25 4.31 -5.51
C VAL A 14 -6.49 5.68 -4.91
N ILE A 15 -6.36 5.78 -3.58
CA ILE A 15 -6.55 7.04 -2.89
C ILE A 15 -5.48 8.06 -3.27
N SER A 16 -4.32 7.55 -3.67
CA SER A 16 -3.21 8.41 -4.06
C SER A 16 -3.17 8.60 -5.57
N GLU A 17 -4.35 8.67 -6.17
CA GLU A 17 -4.46 8.87 -7.62
C GLU A 17 -3.60 7.85 -8.37
N GLY A 18 -3.42 6.67 -7.76
CA GLY A 18 -2.63 5.62 -8.38
C GLY A 18 -1.27 6.13 -8.81
N ILE A 19 -0.62 6.91 -7.95
CA ILE A 19 0.70 7.44 -8.26
C ILE A 19 1.75 6.34 -8.31
N GLY A 20 1.48 5.25 -7.60
CA GLY A 20 2.41 4.13 -7.58
C GLY A 20 2.08 3.13 -6.49
N SER A 21 1.26 2.14 -6.82
CA SER A 21 0.86 1.12 -5.87
C SER A 21 2.08 0.40 -5.30
N LEU A 22 3.15 0.35 -6.09
CA LEU A 22 4.39 -0.30 -5.67
C LEU A 22 4.92 0.31 -4.38
N VAL A 23 4.95 1.64 -4.33
CA VAL A 23 5.42 2.36 -3.16
C VAL A 23 4.33 2.50 -2.10
N GLY A 24 3.08 2.46 -2.56
CA GLY A 24 1.95 2.58 -1.65
C GLY A 24 1.94 1.49 -0.58
N THR A 25 2.24 0.26 -1.00
CA THR A 25 2.26 -0.87 -0.08
C THR A 25 3.23 -0.62 1.06
N ALA A 26 4.21 0.25 0.83
CA ALA A 26 5.20 0.58 1.84
C ALA A 26 4.54 1.06 3.13
N PHE A 27 3.33 1.59 3.00
CA PHE A 27 2.59 2.10 4.16
C PHE A 27 2.51 1.03 5.25
N DTH A 28 2.52 -0.23 4.85
CA DTH A 28 2.45 -1.34 5.78
CB DTH A 28 1.04 -1.47 6.41
CG2 DTH A 28 -0.03 -1.34 5.35
OG1 DTH A 28 0.86 -0.44 7.41
C DTH A 28 3.48 -1.18 6.90
O DTH A 28 3.25 -1.60 8.04
H DTH A 28 2.56 -0.43 3.88
HB DTH A 28 0.96 -2.43 6.88
HG21 DTH A 28 0.39 -1.51 4.38
HG22 DTH A 28 -0.81 -2.07 5.54
HG23 DTH A 28 -0.47 -0.34 5.39
HG1 DTH A 28 0.98 -0.83 8.28
N LEU A 29 4.61 -0.57 6.56
CA LEU A 29 5.68 -0.37 7.54
C LEU A 29 5.51 0.98 8.24
N GLY A 30 5.33 2.04 7.44
CA GLY A 30 5.16 3.36 8.01
C GLY A 30 5.46 4.46 7.01
N GLY A 1 7.18 -7.79 2.49
CA GLY A 1 6.27 -7.25 3.49
C GLY A 1 5.58 -8.34 4.28
N ASN A 2 5.06 -7.97 5.45
CA ASN A 2 4.37 -8.92 6.31
C ASN A 2 2.94 -9.17 5.82
N ALA A 3 2.35 -10.28 6.26
CA ALA A 3 0.99 -10.63 5.86
C ALA A 3 0.01 -9.52 6.21
N ALA A 4 0.31 -8.79 7.28
CA ALA A 4 -0.54 -7.70 7.73
C ALA A 4 -0.50 -6.54 6.74
N CYS A 5 0.69 -6.24 6.22
CA CYS A 5 0.85 -5.16 5.27
C CYS A 5 0.03 -5.41 4.00
N VAL A 6 0.00 -6.67 3.57
CA VAL A 6 -0.75 -7.04 2.37
C VAL A 6 -2.21 -6.59 2.47
N ILE A 7 -2.79 -6.78 3.65
CA ILE A 7 -4.18 -6.38 3.87
C ILE A 7 -4.37 -4.87 3.71
N GLY A 8 -3.28 -4.13 3.91
CA GLY A 8 -3.34 -2.68 3.78
C GLY A 8 -3.01 -2.21 2.37
N CYS A 9 -2.34 -3.07 1.61
CA CYS A 9 -1.96 -2.75 0.24
C CYS A 9 -2.86 -3.45 -0.76
N ILE A 10 -4.07 -3.77 -0.33
CA ILE A 10 -5.03 -4.44 -1.19
C ILE A 10 -5.45 -3.55 -2.36
N GLY A 11 -5.65 -2.27 -2.07
CA GLY A 11 -6.05 -1.33 -3.11
C GLY A 11 -6.02 0.11 -2.63
N SER A 12 -5.01 0.45 -1.84
CA SER A 12 -4.88 1.80 -1.30
C SER A 12 -4.21 2.72 -2.32
N CYS A 13 -3.40 2.14 -3.19
CA CYS A 13 -2.70 2.91 -4.22
C CYS A 13 -3.68 3.78 -5.00
N VAL A 14 -4.84 3.21 -5.35
CA VAL A 14 -5.85 3.94 -6.10
C VAL A 14 -6.24 5.23 -5.38
N ILE A 15 -6.17 5.21 -4.06
CA ILE A 15 -6.51 6.38 -3.26
C ILE A 15 -5.49 7.49 -3.44
N SER A 16 -4.27 7.11 -3.84
CA SER A 16 -3.21 8.07 -4.06
C SER A 16 -3.12 8.48 -5.53
N GLU A 17 -4.25 8.40 -6.22
CA GLU A 17 -4.30 8.75 -7.64
C GLU A 17 -3.22 8.02 -8.42
N GLY A 18 -2.85 6.82 -7.94
CA GLY A 18 -1.83 6.04 -8.60
C GLY A 18 -0.52 6.80 -8.76
N ILE A 19 -0.33 7.81 -7.92
CA ILE A 19 0.89 8.62 -7.96
C ILE A 19 2.09 7.84 -7.41
N GLY A 20 1.81 6.85 -6.57
CA GLY A 20 2.86 6.05 -5.99
C GLY A 20 2.41 4.64 -5.65
N SER A 21 1.99 3.90 -6.67
CA SER A 21 1.52 2.53 -6.47
C SER A 21 2.57 1.69 -5.75
N LEU A 22 3.78 1.67 -6.29
CA LEU A 22 4.87 0.91 -5.70
C LEU A 22 5.14 1.36 -4.27
N VAL A 23 4.79 2.61 -3.97
CA VAL A 23 4.99 3.17 -2.64
C VAL A 23 3.83 2.79 -1.72
N GLY A 24 2.65 2.59 -2.29
CA GLY A 24 1.49 2.23 -1.51
C GLY A 24 1.76 1.04 -0.61
N THR A 25 2.13 -0.08 -1.21
CA THR A 25 2.41 -1.30 -0.45
C THR A 25 3.49 -1.07 0.58
N ALA A 26 4.31 -0.04 0.37
CA ALA A 26 5.39 0.29 1.29
C ALA A 26 4.84 0.79 2.61
N PHE A 27 3.67 1.43 2.56
CA PHE A 27 3.03 1.96 3.76
C PHE A 27 2.87 0.87 4.82
N DTH A 28 2.67 -0.36 4.36
CA DTH A 28 2.49 -1.48 5.28
CB DTH A 28 1.12 -1.42 5.98
CG2 DTH A 28 0.01 -1.11 4.99
OG1 DTH A 28 1.14 -0.44 7.02
C DTH A 28 3.59 -1.52 6.32
O DTH A 28 3.36 -1.95 7.46
H DTH A 28 2.62 -0.51 3.40
HB DTH A 28 0.92 -2.40 6.42
HG21 DTH A 28 -0.31 -0.08 5.13
HG22 DTH A 28 0.38 -1.23 3.99
HG23 DTH A 28 -0.82 -1.76 5.16
HG1 DTH A 28 0.80 -0.82 7.83
N LEU A 29 4.79 -1.09 5.93
CA LEU A 29 5.93 -1.07 6.85
C LEU A 29 5.92 0.19 7.71
N GLY A 30 6.08 1.34 7.06
CA GLY A 30 6.10 2.59 7.78
C GLY A 30 6.50 3.76 6.89
N GLY A 1 7.47 -5.68 4.47
CA GLY A 1 6.79 -6.56 3.54
C GLY A 1 6.09 -7.71 4.22
N ASN A 2 5.37 -7.40 5.30
CA ASN A 2 4.66 -8.42 6.05
C ASN A 2 3.32 -8.76 5.38
N ALA A 3 2.87 -10.00 5.57
CA ALA A 3 1.61 -10.44 4.98
C ALA A 3 0.46 -9.51 5.37
N ALA A 4 0.60 -8.86 6.52
CA ALA A 4 -0.43 -7.93 6.99
C ALA A 4 -0.51 -6.70 6.11
N CYS A 5 0.65 -6.20 5.68
CA CYS A 5 0.71 -5.02 4.83
C CYS A 5 0.01 -5.28 3.49
N VAL A 6 0.23 -6.47 2.94
CA VAL A 6 -0.37 -6.85 1.67
C VAL A 6 -1.89 -6.69 1.72
N ILE A 7 -2.50 -7.20 2.78
CA ILE A 7 -3.95 -7.12 2.94
C ILE A 7 -4.40 -5.67 3.04
N GLY A 8 -3.49 -4.79 3.46
CA GLY A 8 -3.82 -3.39 3.60
C GLY A 8 -3.53 -2.60 2.34
N CYS A 9 -2.67 -3.16 1.48
CA CYS A 9 -2.31 -2.51 0.22
C CYS A 9 -3.10 -3.07 -0.95
N ILE A 10 -4.24 -3.68 -0.64
CA ILE A 10 -5.10 -4.26 -1.67
C ILE A 10 -5.67 -3.19 -2.58
N GLY A 11 -5.77 -1.97 -2.05
CA GLY A 11 -6.31 -0.87 -2.83
C GLY A 11 -5.99 0.49 -2.22
N SER A 12 -4.84 0.58 -1.55
CA SER A 12 -4.42 1.82 -0.92
C SER A 12 -3.81 2.76 -1.94
N CYS A 13 -3.29 2.21 -3.03
CA CYS A 13 -2.66 3.00 -4.08
C CYS A 13 -3.59 4.12 -4.54
N VAL A 14 -4.90 3.87 -4.45
CA VAL A 14 -5.89 4.84 -4.86
C VAL A 14 -5.69 6.17 -4.13
N ILE A 15 -5.24 6.09 -2.88
CA ILE A 15 -5.00 7.28 -2.08
C ILE A 15 -3.81 8.08 -2.62
N SER A 16 -2.94 7.40 -3.36
CA SER A 16 -1.76 8.04 -3.93
C SER A 16 -2.03 8.48 -5.36
N GLU A 17 -3.25 8.91 -5.63
CA GLU A 17 -3.64 9.37 -6.96
C GLU A 17 -3.25 8.32 -8.01
N GLY A 18 -3.27 7.05 -7.62
CA GLY A 18 -2.92 5.99 -8.54
C GLY A 18 -1.60 6.22 -9.23
N ILE A 19 -0.71 6.95 -8.57
CA ILE A 19 0.60 7.26 -9.13
C ILE A 19 1.47 6.00 -9.19
N GLY A 20 1.17 5.03 -8.33
CA GLY A 20 1.93 3.79 -8.30
C GLY A 20 1.59 2.93 -7.12
N SER A 21 1.24 1.68 -7.38
CA SER A 21 0.87 0.74 -6.33
C SER A 21 2.11 0.32 -5.53
N LEU A 22 3.27 0.37 -6.17
CA LEU A 22 4.51 0.00 -5.52
C LEU A 22 4.75 0.84 -4.27
N VAL A 23 4.44 2.13 -4.36
CA VAL A 23 4.61 3.04 -3.23
C VAL A 23 3.43 2.97 -2.28
N GLY A 24 2.28 2.54 -2.80
CA GLY A 24 1.08 2.43 -1.99
C GLY A 24 1.25 1.45 -0.84
N THR A 25 1.81 0.28 -1.14
CA THR A 25 2.01 -0.75 -0.14
C THR A 25 2.88 -0.23 1.02
N ALA A 26 3.65 0.81 0.74
CA ALA A 26 4.52 1.41 1.75
C ALA A 26 3.73 1.73 3.01
N PHE A 27 2.45 2.03 2.85
CA PHE A 27 1.59 2.37 3.98
C PHE A 27 1.55 1.23 4.99
N DTH A 28 1.65 0.00 4.49
CA DTH A 28 1.63 -1.18 5.35
CB DTH A 28 0.22 -1.43 5.94
CG2 DTH A 28 -0.84 -1.28 4.85
OG1 DTH A 28 -0.05 -0.50 6.99
C DTH A 28 2.61 -1.03 6.50
O DTH A 28 2.37 -1.50 7.62
H DTH A 28 1.74 -0.12 3.52
HB DTH A 28 0.18 -2.42 6.33
HG21 DTH A 28 -0.44 -1.61 3.91
HG22 DTH A 28 -1.69 -1.89 5.10
HG23 DTH A 28 -1.14 -0.25 4.77
HG1 DTH A 28 -0.54 -0.93 7.69
N LEU A 29 3.74 -0.39 6.23
CA LEU A 29 4.78 -0.19 7.24
C LEU A 29 5.15 1.29 7.35
N GLY A 30 4.16 2.12 7.67
CA GLY A 30 4.40 3.54 7.81
C GLY A 30 5.24 3.87 9.02
N GLY A 1 7.91 -5.43 4.12
CA GLY A 1 6.58 -5.63 3.58
C GLY A 1 5.89 -6.83 4.19
N ASN A 2 5.03 -6.58 5.18
CA ASN A 2 4.30 -7.65 5.86
C ASN A 2 3.08 -8.08 5.04
N ALA A 3 2.65 -9.31 5.24
CA ALA A 3 1.49 -9.84 4.53
C ALA A 3 0.24 -8.99 4.79
N ALA A 4 0.18 -8.40 5.97
CA ALA A 4 -0.94 -7.56 6.35
C ALA A 4 -0.96 -6.26 5.54
N CYS A 5 0.20 -5.61 5.46
CA CYS A 5 0.33 -4.36 4.72
C CYS A 5 0.05 -4.57 3.24
N VAL A 6 0.42 -5.75 2.73
CA VAL A 6 0.21 -6.08 1.33
C VAL A 6 -1.27 -5.99 0.96
N ILE A 7 -2.12 -6.55 1.82
CA ILE A 7 -3.55 -6.54 1.57
C ILE A 7 -4.09 -5.12 1.57
N GLY A 8 -3.80 -4.37 2.62
CA GLY A 8 -4.26 -2.99 2.72
C GLY A 8 -3.65 -2.10 1.67
N CYS A 9 -2.53 -2.55 1.09
CA CYS A 9 -1.83 -1.77 0.06
C CYS A 9 -2.60 -1.82 -1.25
N ILE A 10 -3.37 -2.88 -1.44
CA ILE A 10 -4.15 -3.05 -2.66
C ILE A 10 -5.16 -1.91 -2.83
N GLY A 11 -5.54 -1.30 -1.72
CA GLY A 11 -6.50 -0.20 -1.75
C GLY A 11 -5.91 1.10 -1.26
N SER A 12 -5.21 1.04 -0.13
CA SER A 12 -4.59 2.22 0.46
C SER A 12 -3.74 2.95 -0.57
N CYS A 13 -3.06 2.19 -1.42
CA CYS A 13 -2.21 2.76 -2.45
C CYS A 13 -2.98 3.76 -3.30
N VAL A 14 -4.25 3.46 -3.55
CA VAL A 14 -5.11 4.33 -4.35
C VAL A 14 -5.70 5.45 -3.51
N ILE A 15 -5.99 5.14 -2.25
CA ILE A 15 -6.55 6.12 -1.32
C ILE A 15 -5.58 7.28 -1.08
N SER A 16 -4.29 7.00 -1.26
CA SER A 16 -3.27 8.01 -1.04
C SER A 16 -2.88 8.67 -2.36
N GLU A 17 -3.80 8.65 -3.32
CA GLU A 17 -3.56 9.25 -4.63
C GLU A 17 -2.24 8.77 -5.21
N GLY A 18 -1.87 7.53 -4.89
CA GLY A 18 -0.63 6.97 -5.39
C GLY A 18 -0.82 6.19 -6.67
N ILE A 19 -0.12 6.61 -7.72
CA ILE A 19 -0.21 5.94 -9.02
C ILE A 19 0.42 4.56 -8.97
N GLY A 20 1.55 4.44 -8.27
CA GLY A 20 2.22 3.17 -8.16
C GLY A 20 1.98 2.49 -6.83
N SER A 21 1.00 1.59 -6.80
CA SER A 21 0.66 0.88 -5.58
C SER A 21 1.89 0.22 -4.97
N LEU A 22 2.85 -0.13 -5.81
CA LEU A 22 4.09 -0.76 -5.35
C LEU A 22 4.77 0.10 -4.29
N VAL A 23 4.53 1.40 -4.35
CA VAL A 23 5.12 2.33 -3.39
C VAL A 23 4.23 2.48 -2.16
N GLY A 24 2.92 2.42 -2.37
CA GLY A 24 1.98 2.57 -1.27
C GLY A 24 2.08 1.42 -0.27
N THR A 25 2.54 0.27 -0.75
CA THR A 25 2.69 -0.90 0.11
C THR A 25 3.59 -0.60 1.30
N ALA A 26 4.45 0.41 1.15
CA ALA A 26 5.37 0.80 2.21
C ALA A 26 4.65 1.58 3.31
N PHE A 27 3.53 2.20 2.94
CA PHE A 27 2.75 2.98 3.89
C PHE A 27 2.17 2.10 4.99
N DTH A 28 1.94 0.82 4.64
CA DTH A 28 1.39 -0.14 5.59
CB DTH A 28 0.03 0.34 6.15
CG2 DTH A 28 -0.74 -0.82 6.75
OG1 DTH A 28 -0.74 0.95 5.11
C DTH A 28 2.35 -0.38 6.75
O DTH A 28 1.97 -0.93 7.78
H DTH A 28 2.16 0.53 3.73
HB DTH A 28 0.22 1.07 6.92
HG21 DTH A 28 -1.78 -0.54 6.88
HG22 DTH A 28 -0.68 -1.68 6.09
HG23 DTH A 28 -0.32 -1.08 7.71
HG1 DTH A 28 -0.84 0.33 4.39
N LEU A 29 3.59 0.04 6.58
CA LEU A 29 4.61 -0.13 7.62
C LEU A 29 4.91 1.20 8.31
N GLY A 30 3.98 1.65 9.14
CA GLY A 30 4.17 2.90 9.86
C GLY A 30 2.86 3.52 10.30
N GLY A 1 6.80 -7.94 4.31
CA GLY A 1 5.72 -7.36 5.09
C GLY A 1 4.71 -8.40 5.54
N ASN A 2 3.97 -8.07 6.60
CA ASN A 2 2.96 -8.98 7.13
C ASN A 2 1.67 -8.90 6.32
N ALA A 3 0.80 -9.88 6.52
CA ALA A 3 -0.47 -9.93 5.80
C ALA A 3 -1.27 -8.64 6.01
N ALA A 4 -1.11 -8.05 7.19
CA ALA A 4 -1.81 -6.81 7.51
C ALA A 4 -1.29 -5.64 6.68
N CYS A 5 0.03 -5.53 6.59
CA CYS A 5 0.66 -4.46 5.82
C CYS A 5 0.34 -4.59 4.33
N VAL A 6 0.53 -5.79 3.80
CA VAL A 6 0.26 -6.06 2.39
C VAL A 6 -1.16 -5.68 2.02
N ILE A 7 -2.13 -6.26 2.73
CA ILE A 7 -3.54 -5.98 2.47
C ILE A 7 -3.89 -4.54 2.85
N GLY A 8 -3.09 -3.96 3.74
CA GLY A 8 -3.33 -2.58 4.17
C GLY A 8 -3.25 -1.60 3.02
N CYS A 9 -2.65 -2.03 1.92
CA CYS A 9 -2.51 -1.17 0.74
C CYS A 9 -2.93 -1.91 -0.52
N ILE A 10 -3.75 -2.95 -0.35
CA ILE A 10 -4.23 -3.73 -1.48
C ILE A 10 -5.03 -2.87 -2.46
N GLY A 11 -5.68 -1.84 -1.92
CA GLY A 11 -6.47 -0.95 -2.77
C GLY A 11 -6.48 0.47 -2.26
N SER A 12 -5.47 0.82 -1.45
CA SER A 12 -5.37 2.15 -0.89
C SER A 12 -4.84 3.14 -1.92
N CYS A 13 -4.01 2.64 -2.84
CA CYS A 13 -3.43 3.47 -3.88
C CYS A 13 -4.51 4.15 -4.71
N VAL A 14 -5.68 3.51 -4.78
CA VAL A 14 -6.81 4.05 -5.53
C VAL A 14 -7.50 5.16 -4.76
N ILE A 15 -7.77 4.91 -3.48
CA ILE A 15 -8.45 5.89 -2.64
C ILE A 15 -7.55 7.11 -2.41
N SER A 16 -6.24 6.91 -2.51
CA SER A 16 -5.28 7.99 -2.31
C SER A 16 -4.91 8.64 -3.65
N GLU A 17 -5.00 7.86 -4.72
CA GLU A 17 -4.66 8.36 -6.05
C GLU A 17 -3.30 9.04 -6.05
N GLY A 18 -2.30 8.35 -5.52
CA GLY A 18 -0.96 8.91 -5.46
C GLY A 18 -0.14 8.56 -6.69
N ILE A 19 1.16 8.37 -6.49
CA ILE A 19 2.05 8.02 -7.60
C ILE A 19 1.76 6.62 -8.12
N GLY A 20 1.83 5.64 -7.22
CA GLY A 20 1.58 4.26 -7.62
C GLY A 20 1.36 3.34 -6.43
N SER A 21 0.50 2.35 -6.60
CA SER A 21 0.20 1.41 -5.52
C SER A 21 1.49 0.80 -4.97
N LEU A 22 2.50 0.69 -5.81
CA LEU A 22 3.78 0.13 -5.41
C LEU A 22 4.33 0.86 -4.19
N VAL A 23 3.98 2.12 -4.06
CA VAL A 23 4.44 2.93 -2.93
C VAL A 23 3.56 2.72 -1.70
N GLY A 24 2.30 2.37 -1.95
CA GLY A 24 1.37 2.14 -0.85
C GLY A 24 1.57 0.79 -0.20
N THR A 25 1.49 -0.27 -1.01
CA THR A 25 1.66 -1.63 -0.50
C THR A 25 3.00 -1.79 0.20
N ALA A 26 3.95 -0.93 -0.15
CA ALA A 26 5.28 -0.98 0.45
C ALA A 26 5.32 -0.21 1.76
N PHE A 27 4.43 0.77 1.89
CA PHE A 27 4.37 1.58 3.10
C PHE A 27 4.27 0.70 4.35
N DTH A 28 3.61 -0.44 4.21
CA DTH A 28 3.45 -1.37 5.32
CB DTH A 28 2.46 -0.83 6.37
CG2 DTH A 28 1.22 -0.26 5.70
OG1 DTH A 28 3.09 0.19 7.15
C DTH A 28 4.78 -1.65 5.99
O DTH A 28 4.85 -1.90 7.21
H DTH A 28 3.22 -0.66 3.34
HB DTH A 28 2.17 -1.63 7.02
HG21 DTH A 28 1.37 0.78 5.47
HG22 DTH A 28 1.01 -0.81 4.80
HG23 DTH A 28 0.38 -0.36 6.37
HG1 DTH A 28 3.60 -0.22 7.86
N LEU A 29 5.86 -1.63 5.21
CA LEU A 29 7.19 -1.89 5.74
C LEU A 29 7.49 -0.99 6.94
N GLY A 30 6.93 0.21 6.92
CA GLY A 30 7.14 1.14 8.02
C GLY A 30 7.37 2.56 7.53
N GLY A 1 7.31 -8.11 5.30
CA GLY A 1 5.99 -7.70 4.85
C GLY A 1 4.91 -8.69 5.28
N ASN A 2 4.10 -8.29 6.26
CA ASN A 2 3.03 -9.14 6.77
C ASN A 2 1.81 -9.08 5.84
N ALA A 3 0.88 -10.00 6.05
CA ALA A 3 -0.34 -10.05 5.23
C ALA A 3 -1.17 -8.79 5.41
N ALA A 4 -1.06 -8.17 6.58
CA ALA A 4 -1.80 -6.96 6.87
C ALA A 4 -1.34 -5.80 6.00
N CYS A 5 -0.03 -5.58 5.96
CA CYS A 5 0.55 -4.50 5.16
C CYS A 5 0.29 -4.73 3.68
N VAL A 6 0.42 -5.98 3.24
CA VAL A 6 0.20 -6.33 1.85
C VAL A 6 -1.20 -5.93 1.39
N ILE A 7 -2.21 -6.39 2.11
CA ILE A 7 -3.59 -6.07 1.78
C ILE A 7 -3.86 -4.57 1.95
N GLY A 8 -3.14 -3.95 2.86
CA GLY A 8 -3.32 -2.52 3.09
C GLY A 8 -2.77 -1.68 1.96
N CYS A 9 -1.84 -2.24 1.19
CA CYS A 9 -1.25 -1.53 0.07
C CYS A 9 -2.28 -1.27 -1.03
N ILE A 10 -3.11 -2.27 -1.29
CA ILE A 10 -4.14 -2.15 -2.32
C ILE A 10 -5.18 -1.11 -1.93
N GLY A 11 -5.33 -0.90 -0.63
CA GLY A 11 -6.30 0.08 -0.15
C GLY A 11 -5.70 1.45 0.04
N SER A 12 -4.38 1.50 0.23
CA SER A 12 -3.68 2.76 0.44
C SER A 12 -3.30 3.38 -0.90
N CYS A 13 -3.09 2.54 -1.91
CA CYS A 13 -2.72 3.01 -3.24
C CYS A 13 -3.95 3.49 -4.00
N VAL A 14 -5.04 2.74 -3.90
CA VAL A 14 -6.28 3.08 -4.59
C VAL A 14 -6.69 4.51 -4.26
N ILE A 15 -6.51 4.91 -3.01
CA ILE A 15 -6.86 6.25 -2.57
C ILE A 15 -5.97 7.30 -3.22
N SER A 16 -4.75 6.90 -3.57
CA SER A 16 -3.79 7.80 -4.20
C SER A 16 -3.81 7.65 -5.71
N GLU A 17 -4.97 7.29 -6.25
CA GLU A 17 -5.12 7.10 -7.69
C GLU A 17 -4.04 6.18 -8.24
N GLY A 18 -3.57 5.26 -7.40
CA GLY A 18 -2.53 4.33 -7.82
C GLY A 18 -1.28 5.04 -8.30
N ILE A 19 -1.12 6.29 -7.90
CA ILE A 19 0.04 7.08 -8.30
C ILE A 19 1.30 6.61 -7.59
N GLY A 20 1.11 6.00 -6.42
CA GLY A 20 2.25 5.50 -5.66
C GLY A 20 2.00 4.12 -5.08
N SER A 21 1.39 3.25 -5.89
CA SER A 21 1.10 1.89 -5.45
C SER A 21 2.38 1.12 -5.13
N LEU A 22 3.43 1.39 -5.91
CA LEU A 22 4.71 0.73 -5.71
C LEU A 22 5.25 0.98 -4.30
N VAL A 23 5.14 2.23 -3.85
CA VAL A 23 5.61 2.60 -2.52
C VAL A 23 4.55 2.30 -1.47
N GLY A 24 3.29 2.27 -1.89
CA GLY A 24 2.21 1.99 -0.97
C GLY A 24 2.43 0.72 -0.17
N THR A 25 2.90 -0.32 -0.83
CA THR A 25 3.16 -1.61 -0.18
C THR A 25 4.15 -1.44 0.96
N ALA A 26 4.94 -0.37 0.92
CA ALA A 26 5.92 -0.10 1.96
C ALA A 26 5.29 0.66 3.12
N PHE A 27 4.22 1.38 2.84
CA PHE A 27 3.52 2.15 3.86
C PHE A 27 3.10 1.25 5.03
N DTH A 28 2.87 -0.02 4.73
CA DTH A 28 2.45 -0.97 5.75
CB DTH A 28 1.17 -0.52 6.47
CG2 DTH A 28 0.52 -1.69 7.19
OG1 DTH A 28 0.26 0.05 5.53
C DTH A 28 3.56 -1.18 6.78
O DTH A 28 3.32 -1.73 7.86
H DTH A 28 2.96 -0.32 3.80
HB DTH A 28 1.44 0.23 7.21
HG21 DTH A 28 1.21 -2.52 7.25
HG22 DTH A 28 0.22 -1.38 8.18
HG23 DTH A 28 -0.36 -2.00 6.63
HG1 DTH A 28 0.76 0.41 4.79
N LEU A 29 4.77 -0.74 6.45
CA LEU A 29 5.91 -0.87 7.34
C LEU A 29 6.47 0.49 7.72
N GLY A 30 5.61 1.38 8.18
CA GLY A 30 6.04 2.71 8.56
C GLY A 30 5.90 3.71 7.43
N GLY A 1 7.62 -8.72 2.58
CA GLY A 1 6.69 -7.90 3.33
C GLY A 1 5.62 -8.73 4.03
N ASN A 2 4.95 -8.13 5.01
CA ASN A 2 3.90 -8.81 5.75
C ASN A 2 2.62 -8.89 4.94
N ALA A 3 1.92 -10.01 5.05
CA ALA A 3 0.67 -10.22 4.32
C ALA A 3 -0.42 -9.28 4.84
N ALA A 4 -0.45 -9.08 6.15
CA ALA A 4 -1.44 -8.20 6.77
C ALA A 4 -1.20 -6.74 6.37
N CYS A 5 0.06 -6.36 6.31
CA CYS A 5 0.42 -4.99 5.94
C CYS A 5 -0.04 -4.67 4.53
N VAL A 6 0.17 -5.60 3.61
CA VAL A 6 -0.23 -5.41 2.23
C VAL A 6 -1.73 -5.12 2.12
N ILE A 7 -2.51 -5.78 2.96
CA ILE A 7 -3.96 -5.60 2.96
C ILE A 7 -4.33 -4.18 3.37
N GLY A 8 -3.47 -3.56 4.18
CA GLY A 8 -3.73 -2.20 4.62
C GLY A 8 -3.62 -1.18 3.50
N CYS A 9 -2.89 -1.56 2.44
CA CYS A 9 -2.71 -0.68 1.30
C CYS A 9 -3.07 -1.39 0.00
N ILE A 10 -3.83 -2.47 0.11
CA ILE A 10 -4.24 -3.23 -1.05
C ILE A 10 -5.17 -2.42 -1.93
N GLY A 11 -5.95 -1.53 -1.32
CA GLY A 11 -6.88 -0.70 -2.07
C GLY A 11 -6.73 0.77 -1.73
N SER A 12 -5.61 1.14 -1.14
CA SER A 12 -5.36 2.52 -0.76
C SER A 12 -4.77 3.31 -1.93
N CYS A 13 -3.88 2.68 -2.68
CA CYS A 13 -3.24 3.32 -3.82
C CYS A 13 -4.29 3.74 -4.85
N VAL A 14 -5.36 2.96 -4.97
CA VAL A 14 -6.42 3.26 -5.91
C VAL A 14 -6.93 4.68 -5.73
N ILE A 15 -7.06 5.11 -4.48
CA ILE A 15 -7.53 6.45 -4.18
C ILE A 15 -6.51 7.51 -4.59
N SER A 16 -5.24 7.11 -4.63
CA SER A 16 -4.16 8.01 -5.01
C SER A 16 -3.81 7.84 -6.49
N GLU A 17 -4.78 7.43 -7.28
CA GLU A 17 -4.57 7.22 -8.71
C GLU A 17 -3.35 6.33 -8.95
N GLY A 18 -3.07 5.44 -8.01
CA GLY A 18 -1.95 4.55 -8.14
C GLY A 18 -0.63 5.29 -8.29
N ILE A 19 -0.62 6.55 -7.89
CA ILE A 19 0.59 7.37 -8.00
C ILE A 19 1.63 6.95 -6.97
N GLY A 20 1.16 6.45 -5.83
CA GLY A 20 2.07 6.01 -4.78
C GLY A 20 1.73 4.63 -4.25
N SER A 21 1.41 3.71 -5.16
CA SER A 21 1.06 2.35 -4.79
C SER A 21 2.26 1.63 -4.16
N LEU A 22 3.38 1.66 -4.87
CA LEU A 22 4.60 1.01 -4.40
C LEU A 22 4.98 1.53 -3.02
N VAL A 23 4.59 2.77 -2.72
CA VAL A 23 4.90 3.39 -1.45
C VAL A 23 3.82 3.08 -0.41
N GLY A 24 2.59 2.91 -0.89
CA GLY A 24 1.48 2.63 0.00
C GLY A 24 1.57 1.23 0.60
N THR A 25 1.46 0.22 -0.26
CA THR A 25 1.53 -1.17 0.19
C THR A 25 2.83 -1.44 0.93
N ALA A 26 3.84 -0.63 0.67
CA ALA A 26 5.14 -0.78 1.32
C ALA A 26 5.17 -0.08 2.68
N PHE A 27 4.31 0.93 2.83
CA PHE A 27 4.24 1.69 4.08
C PHE A 27 4.01 0.75 5.26
N DTH A 28 3.32 -0.36 5.00
CA DTH A 28 3.03 -1.33 6.05
CB DTH A 28 1.98 -0.80 7.04
CG2 DTH A 28 0.81 -0.15 6.30
OG1 DTH A 28 2.57 0.16 7.93
C DTH A 28 4.29 -1.70 6.83
O DTH A 28 4.24 -2.00 8.02
H DTH A 28 3.00 -0.52 4.10
HB DTH A 28 1.59 -1.63 7.62
HG21 DTH A 28 0.86 -0.42 5.25
HG22 DTH A 28 -0.11 -0.50 6.72
HG23 DTH A 28 0.88 0.93 6.40
HG1 DTH A 28 2.65 1.00 7.48
N LEU A 29 5.42 -1.69 6.13
CA LEU A 29 6.71 -2.03 6.75
C LEU A 29 7.07 -1.01 7.83
N GLY A 30 6.86 0.27 7.52
CA GLY A 30 7.17 1.32 8.47
C GLY A 30 8.34 2.18 8.02
N GLY A 1 5.27 -8.55 1.22
CA GLY A 1 6.04 -8.53 2.44
C GLY A 1 5.27 -9.08 3.63
N ASN A 2 4.89 -8.21 4.54
CA ASN A 2 4.14 -8.62 5.73
C ASN A 2 2.67 -8.83 5.40
N ALA A 3 2.09 -9.90 5.95
CA ALA A 3 0.69 -10.20 5.72
C ALA A 3 -0.21 -9.00 6.01
N ALA A 4 0.23 -8.17 6.96
CA ALA A 4 -0.52 -6.98 7.34
C ALA A 4 -0.48 -5.93 6.23
N CYS A 5 0.71 -5.67 5.72
CA CYS A 5 0.90 -4.69 4.65
C CYS A 5 0.19 -5.13 3.38
N VAL A 6 0.09 -6.45 3.19
CA VAL A 6 -0.56 -7.00 2.01
C VAL A 6 -2.01 -6.53 1.91
N ILE A 7 -2.78 -6.79 2.96
CA ILE A 7 -4.18 -6.39 3.00
C ILE A 7 -4.33 -4.87 3.04
N GLY A 8 -3.27 -4.20 3.50
CA GLY A 8 -3.30 -2.74 3.57
C GLY A 8 -2.88 -2.08 2.27
N CYS A 9 -2.28 -2.87 1.38
CA CYS A 9 -1.82 -2.36 0.10
C CYS A 9 -2.64 -2.95 -1.05
N ILE A 10 -3.86 -3.38 -0.73
CA ILE A 10 -4.75 -3.95 -1.74
C ILE A 10 -5.17 -2.92 -2.77
N GLY A 11 -5.67 -1.79 -2.30
CA GLY A 11 -6.09 -0.73 -3.20
C GLY A 11 -6.05 0.64 -2.55
N SER A 12 -5.29 0.75 -1.46
CA SER A 12 -5.17 2.02 -0.74
C SER A 12 -4.28 3.00 -1.51
N CYS A 13 -3.25 2.46 -2.15
CA CYS A 13 -2.33 3.29 -2.93
C CYS A 13 -3.07 4.15 -3.94
N VAL A 14 -4.23 3.66 -4.39
CA VAL A 14 -5.05 4.37 -5.36
C VAL A 14 -5.94 5.41 -4.68
N ILE A 15 -6.35 5.10 -3.44
CA ILE A 15 -7.20 6.01 -2.69
C ILE A 15 -6.46 7.30 -2.34
N SER A 16 -5.13 7.23 -2.30
CA SER A 16 -4.31 8.38 -1.98
C SER A 16 -3.83 9.08 -3.25
N GLU A 17 -4.56 8.87 -4.34
CA GLU A 17 -4.21 9.47 -5.62
C GLU A 17 -2.74 9.24 -5.96
N GLY A 18 -2.22 8.09 -5.51
CA GLY A 18 -0.82 7.77 -5.78
C GLY A 18 -0.66 6.88 -6.99
N ILE A 19 0.05 7.38 -8.00
CA ILE A 19 0.28 6.63 -9.22
C ILE A 19 1.19 5.44 -8.96
N GLY A 20 2.13 5.60 -8.03
CA GLY A 20 3.06 4.53 -7.71
C GLY A 20 2.55 3.65 -6.58
N SER A 21 1.46 2.92 -6.84
CA SER A 21 0.88 2.05 -5.83
C SER A 21 1.93 1.11 -5.25
N LEU A 22 2.93 0.77 -6.06
CA LEU A 22 4.01 -0.11 -5.63
C LEU A 22 4.66 0.40 -4.35
N VAL A 23 4.68 1.73 -4.20
CA VAL A 23 5.27 2.35 -3.01
C VAL A 23 4.28 2.38 -1.86
N GLY A 24 2.99 2.37 -2.18
CA GLY A 24 1.97 2.39 -1.16
C GLY A 24 2.07 1.22 -0.21
N THR A 25 2.48 0.07 -0.72
CA THR A 25 2.62 -1.14 0.09
C THR A 25 3.57 -0.90 1.25
N ALA A 26 4.45 0.08 1.11
CA ALA A 26 5.41 0.41 2.15
C ALA A 26 4.71 0.97 3.39
N PHE A 27 3.50 1.48 3.20
CA PHE A 27 2.73 2.05 4.30
C PHE A 27 2.57 1.04 5.43
N DTH A 28 2.58 -0.24 5.08
CA DTH A 28 2.44 -1.30 6.08
CB DTH A 28 1.14 -1.15 6.88
CG2 DTH A 28 0.77 -2.45 7.57
OG1 DTH A 28 0.07 -0.73 6.02
C DTH A 28 3.62 -1.32 7.04
O DTH A 28 3.57 -1.94 8.09
H DTH A 28 2.68 -0.47 4.14
HB DTH A 28 1.29 -0.39 7.64
HG21 DTH A 28 -0.26 -2.42 7.89
HG22 DTH A 28 0.90 -3.27 6.87
HG23 DTH A 28 1.40 -2.60 8.43
HG1 DTH A 28 -0.08 -1.41 5.36
N LEU A 29 4.69 -0.61 6.66
CA LEU A 29 5.89 -0.55 7.49
C LEU A 29 5.85 0.66 8.40
N GLY A 30 5.23 1.74 7.93
CA GLY A 30 5.14 2.96 8.72
C GLY A 30 5.39 4.21 7.90
N GLY A 1 7.94 -8.48 6.25
CA GLY A 1 6.68 -8.09 5.65
C GLY A 1 5.48 -8.52 6.48
N ASN A 2 4.78 -7.54 7.04
CA ASN A 2 3.61 -7.83 7.87
C ASN A 2 2.39 -8.09 7.01
N ALA A 3 1.49 -8.93 7.51
CA ALA A 3 0.27 -9.27 6.78
C ALA A 3 -0.64 -8.05 6.64
N ALA A 4 -0.60 -7.18 7.64
CA ALA A 4 -1.42 -5.97 7.63
C ALA A 4 -0.98 -5.01 6.53
N CYS A 5 0.34 -4.88 6.36
CA CYS A 5 0.90 -4.00 5.35
C CYS A 5 0.47 -4.44 3.95
N VAL A 6 0.27 -5.74 3.77
CA VAL A 6 -0.14 -6.28 2.49
C VAL A 6 -1.40 -5.61 1.98
N ILE A 7 -2.30 -5.27 2.91
CA ILE A 7 -3.55 -4.62 2.56
C ILE A 7 -3.31 -3.25 1.92
N GLY A 8 -2.15 -2.66 2.24
CA GLY A 8 -1.82 -1.36 1.68
C GLY A 8 -1.32 -1.45 0.26
N CYS A 9 -1.05 -2.67 -0.19
CA CYS A 9 -0.56 -2.89 -1.55
C CYS A 9 -1.69 -3.37 -2.47
N ILE A 10 -2.77 -3.85 -1.87
CA ILE A 10 -3.91 -4.33 -2.62
C ILE A 10 -4.51 -3.22 -3.48
N GLY A 11 -4.98 -2.16 -2.82
CA GLY A 11 -5.57 -1.04 -3.54
C GLY A 11 -5.67 0.20 -2.69
N SER A 12 -4.81 0.30 -1.68
CA SER A 12 -4.80 1.45 -0.78
C SER A 12 -4.34 2.71 -1.51
N CYS A 13 -3.30 2.57 -2.32
CA CYS A 13 -2.76 3.68 -3.08
C CYS A 13 -3.85 4.35 -3.91
N VAL A 14 -4.86 3.57 -4.28
CA VAL A 14 -5.97 4.08 -5.08
C VAL A 14 -6.92 4.91 -4.24
N ILE A 15 -7.37 4.35 -3.12
CA ILE A 15 -8.28 5.04 -2.22
C ILE A 15 -7.60 6.23 -1.55
N SER A 16 -6.27 6.17 -1.47
CA SER A 16 -5.50 7.24 -0.85
C SER A 16 -5.02 8.24 -1.89
N GLU A 17 -4.92 7.79 -3.14
CA GLU A 17 -4.48 8.64 -4.24
C GLU A 17 -3.17 9.35 -3.87
N GLY A 18 -2.17 8.56 -3.47
CA GLY A 18 -0.88 9.13 -3.11
C GLY A 18 0.14 9.03 -4.22
N ILE A 19 1.19 8.26 -3.98
CA ILE A 19 2.24 8.08 -4.97
C ILE A 19 1.77 7.21 -6.12
N GLY A 20 1.34 5.98 -5.80
CA GLY A 20 0.87 5.07 -6.81
C GLY A 20 0.55 3.69 -6.25
N SER A 21 -0.31 2.96 -6.95
CA SER A 21 -0.71 1.63 -6.51
C SER A 21 0.51 0.75 -6.25
N LEU A 22 1.44 0.76 -7.20
CA LEU A 22 2.66 -0.03 -7.08
C LEU A 22 3.44 0.35 -5.81
N VAL A 23 3.17 1.55 -5.30
CA VAL A 23 3.83 2.03 -4.10
C VAL A 23 3.14 1.52 -2.85
N GLY A 24 1.90 1.08 -3.00
CA GLY A 24 1.14 0.58 -1.87
C GLY A 24 1.90 -0.49 -1.10
N THR A 25 2.43 -1.48 -1.82
CA THR A 25 3.17 -2.57 -1.21
C THR A 25 4.27 -2.02 -0.29
N ALA A 26 4.89 -0.92 -0.69
CA ALA A 26 5.94 -0.30 0.10
C ALA A 26 5.36 0.56 1.21
N PHE A 27 4.17 1.09 0.98
CA PHE A 27 3.51 1.94 1.96
C PHE A 27 3.44 1.25 3.32
N DTH A 28 3.18 -0.06 3.30
CA DTH A 28 3.09 -0.84 4.53
CB DTH A 28 1.80 -0.51 5.31
CG2 DTH A 28 0.60 -0.46 4.38
OG1 DTH A 28 1.94 0.75 5.97
C DTH A 28 4.30 -0.59 5.43
O DTH A 28 4.16 -0.52 6.66
H DTH A 28 3.05 -0.50 2.44
HB DTH A 28 1.64 -1.28 6.05
HG21 DTH A 28 0.78 -1.09 3.52
HG22 DTH A 28 -0.27 -0.82 4.91
HG23 DTH A 28 0.44 0.55 4.05
HG1 DTH A 28 1.77 0.64 6.91
N LEU A 29 5.46 -0.46 4.81
CA LEU A 29 6.70 -0.23 5.56
C LEU A 29 6.83 1.25 5.94
N GLY A 30 6.00 1.70 6.86
CA GLY A 30 6.05 3.08 7.29
C GLY A 30 5.41 3.30 8.64
N GLY A 1 8.90 -8.44 4.41
CA GLY A 1 7.69 -8.72 3.65
C GLY A 1 6.54 -9.17 4.52
N ASN A 2 5.86 -8.21 5.14
CA ASN A 2 4.74 -8.50 6.02
C ASN A 2 3.48 -8.80 5.19
N ALA A 3 2.80 -9.89 5.54
CA ALA A 3 1.58 -10.27 4.84
C ALA A 3 0.42 -9.36 5.21
N ALA A 4 0.46 -8.83 6.43
CA ALA A 4 -0.59 -7.94 6.91
C ALA A 4 -0.60 -6.63 6.13
N CYS A 5 0.59 -6.10 5.86
CA CYS A 5 0.71 -4.85 5.12
C CYS A 5 0.12 -4.98 3.72
N VAL A 6 0.21 -6.18 3.15
CA VAL A 6 -0.32 -6.43 1.82
C VAL A 6 -1.79 -6.06 1.73
N ILE A 7 -2.57 -6.48 2.71
CA ILE A 7 -4.00 -6.19 2.75
C ILE A 7 -4.24 -4.68 2.86
N GLY A 8 -3.26 -3.97 3.39
CA GLY A 8 -3.39 -2.53 3.54
C GLY A 8 -2.91 -1.77 2.31
N CYS A 9 -2.12 -2.45 1.49
CA CYS A 9 -1.58 -1.83 0.27
C CYS A 9 -2.29 -2.38 -0.97
N ILE A 10 -3.50 -2.88 -0.78
CA ILE A 10 -4.27 -3.44 -1.88
C ILE A 10 -4.64 -2.36 -2.90
N GLY A 11 -5.18 -1.25 -2.40
CA GLY A 11 -5.56 -0.16 -3.29
C GLY A 11 -5.57 1.17 -2.58
N SER A 12 -4.66 1.35 -1.63
CA SER A 12 -4.57 2.59 -0.87
C SER A 12 -3.95 3.70 -1.72
N CYS A 13 -3.14 3.30 -2.70
CA CYS A 13 -2.48 4.26 -3.58
C CYS A 13 -3.49 4.98 -4.46
N VAL A 14 -4.24 4.20 -5.24
CA VAL A 14 -5.25 4.77 -6.13
C VAL A 14 -6.20 5.68 -5.36
N ILE A 15 -6.57 5.27 -4.16
CA ILE A 15 -7.47 6.05 -3.32
C ILE A 15 -6.81 7.35 -2.86
N SER A 16 -5.49 7.32 -2.71
CA SER A 16 -4.74 8.50 -2.28
C SER A 16 -4.19 9.26 -3.48
N GLU A 17 -4.81 9.08 -4.63
CA GLU A 17 -4.38 9.74 -5.85
C GLU A 17 -2.89 9.55 -6.07
N GLY A 18 -2.38 8.39 -5.68
CA GLY A 18 -0.96 8.10 -5.85
C GLY A 18 -0.64 7.51 -7.21
N ILE A 19 0.64 7.40 -7.52
CA ILE A 19 1.07 6.85 -8.80
C ILE A 19 0.84 5.35 -8.85
N GLY A 20 1.37 4.63 -7.86
CA GLY A 20 1.20 3.19 -7.82
C GLY A 20 1.26 2.64 -6.42
N SER A 21 0.40 1.66 -6.13
CA SER A 21 0.35 1.06 -4.81
C SER A 21 1.72 0.51 -4.41
N LEU A 22 2.53 0.17 -5.41
CA LEU A 22 3.86 -0.36 -5.16
C LEU A 22 4.66 0.57 -4.25
N VAL A 23 4.56 1.87 -4.51
CA VAL A 23 5.27 2.86 -3.73
C VAL A 23 4.44 3.34 -2.54
N GLY A 24 3.37 2.59 -2.25
CA GLY A 24 2.49 2.95 -1.15
C GLY A 24 2.44 1.86 -0.08
N THR A 25 2.85 0.66 -0.46
CA THR A 25 2.84 -0.47 0.46
C THR A 25 3.67 -0.18 1.70
N ALA A 26 4.60 0.75 1.58
CA ALA A 26 5.47 1.13 2.68
C ALA A 26 4.65 1.56 3.89
N PHE A 27 3.43 2.02 3.65
CA PHE A 27 2.54 2.47 4.72
C PHE A 27 2.35 1.36 5.75
N DTH A 28 2.22 0.13 5.27
CA DTH A 28 2.02 -1.02 6.15
CB DTH A 28 0.78 -0.84 7.04
CG2 DTH A 28 0.32 -2.18 7.60
OG1 DTH A 28 -0.29 -0.24 6.28
C DTH A 28 3.24 -1.24 7.03
O DTH A 28 3.17 -1.97 8.02
H DTH A 28 2.25 -0.01 4.30
HB DTH A 28 1.03 -0.18 7.86
HG21 DTH A 28 -0.53 -2.53 7.04
HG22 DTH A 28 1.12 -2.89 7.52
HG23 DTH A 28 0.05 -2.06 8.63
HG1 DTH A 28 -1.02 -0.04 6.86
N LEU A 29 4.35 -0.62 6.68
CA LEU A 29 5.59 -0.75 7.44
C LEU A 29 5.78 0.44 8.38
N GLY A 30 4.78 0.68 9.22
CA GLY A 30 4.85 1.78 10.17
C GLY A 30 4.93 3.13 9.47
N GLY A 1 6.11 -5.82 3.87
CA GLY A 1 6.58 -6.47 5.08
C GLY A 1 5.64 -7.54 5.57
N ASN A 2 4.67 -7.14 6.39
CA ASN A 2 3.70 -8.08 6.95
C ASN A 2 2.61 -8.39 5.93
N ALA A 3 1.89 -9.49 6.15
CA ALA A 3 0.82 -9.90 5.26
C ALA A 3 -0.36 -8.93 5.34
N ALA A 4 -0.47 -8.24 6.48
CA ALA A 4 -1.56 -7.28 6.68
C ALA A 4 -1.41 -6.08 5.75
N CYS A 5 -0.21 -5.50 5.73
CA CYS A 5 0.06 -4.34 4.89
C CYS A 5 -0.04 -4.70 3.41
N VAL A 6 0.45 -5.89 3.07
CA VAL A 6 0.42 -6.36 1.68
C VAL A 6 -1.01 -6.41 1.15
N ILE A 7 -1.91 -7.03 1.92
CA ILE A 7 -3.30 -7.15 1.53
C ILE A 7 -3.99 -5.79 1.54
N GLY A 8 -3.49 -4.89 2.39
CA GLY A 8 -4.06 -3.56 2.47
C GLY A 8 -3.54 -2.63 1.40
N CYS A 9 -2.40 -2.98 0.81
CA CYS A 9 -1.79 -2.16 -0.24
C CYS A 9 -2.72 -2.06 -1.45
N ILE A 10 -3.53 -3.10 -1.66
CA ILE A 10 -4.45 -3.13 -2.78
C ILE A 10 -5.51 -2.04 -2.64
N GLY A 11 -5.77 -1.62 -1.41
CA GLY A 11 -6.76 -0.59 -1.16
C GLY A 11 -6.14 0.69 -0.63
N SER A 12 -4.85 0.64 -0.32
CA SER A 12 -4.14 1.80 0.20
C SER A 12 -3.66 2.71 -0.94
N CYS A 13 -3.40 2.11 -2.08
CA CYS A 13 -2.94 2.87 -3.25
C CYS A 13 -3.96 3.93 -3.65
N VAL A 14 -5.22 3.53 -3.76
CA VAL A 14 -6.29 4.44 -4.13
C VAL A 14 -6.42 5.57 -3.11
N ILE A 15 -6.27 5.23 -1.83
CA ILE A 15 -6.36 6.21 -0.77
C ILE A 15 -5.19 7.19 -0.81
N SER A 16 -4.10 6.77 -1.44
CA SER A 16 -2.91 7.62 -1.55
C SER A 16 -2.92 8.39 -2.86
N GLU A 17 -3.59 7.84 -3.87
CA GLU A 17 -3.67 8.47 -5.18
C GLU A 17 -2.28 8.88 -5.67
N GLY A 18 -1.27 8.11 -5.29
CA GLY A 18 0.09 8.39 -5.70
C GLY A 18 0.44 7.76 -7.03
N ILE A 19 1.65 7.24 -7.14
CA ILE A 19 2.11 6.61 -8.37
C ILE A 19 1.36 5.31 -8.62
N GLY A 20 0.90 4.66 -7.55
CA GLY A 20 0.16 3.42 -7.68
C GLY A 20 0.35 2.51 -6.48
N SER A 21 -0.02 1.25 -6.64
CA SER A 21 0.11 0.27 -5.57
C SER A 21 1.55 0.09 -5.15
N LEU A 22 2.46 0.37 -6.08
CA LEU A 22 3.89 0.24 -5.82
C LEU A 22 4.30 1.04 -4.58
N VAL A 23 3.89 2.31 -4.55
CA VAL A 23 4.21 3.18 -3.43
C VAL A 23 3.21 2.98 -2.28
N GLY A 24 2.17 2.22 -2.54
CA GLY A 24 1.16 1.96 -1.53
C GLY A 24 1.54 0.82 -0.61
N THR A 25 2.17 -0.21 -1.17
CA THR A 25 2.59 -1.37 -0.39
C THR A 25 3.51 -0.95 0.75
N ALA A 26 4.15 0.20 0.61
CA ALA A 26 5.06 0.71 1.63
C ALA A 26 4.29 1.43 2.73
N PHE A 27 3.18 2.05 2.36
CA PHE A 27 2.35 2.78 3.33
C PHE A 27 1.87 1.85 4.44
N DTH A 28 1.75 0.56 4.13
CA DTH A 28 1.30 -0.42 5.10
CB DTH A 28 -0.08 -0.06 5.68
CG2 DTH A 28 -0.74 -1.26 6.32
OG1 DTH A 28 -0.93 0.45 4.64
C DTH A 28 2.29 -0.55 6.25
O DTH A 28 1.98 -1.12 7.29
H DTH A 28 1.97 0.27 3.22
HB DTH A 28 0.05 0.71 6.43
HG21 DTH A 28 -1.20 -0.97 7.26
HG22 DTH A 28 -1.49 -1.66 5.66
HG23 DTH A 28 0.01 -2.02 6.51
HG1 DTH A 28 -1.04 -0.22 3.96
N LEU A 29 3.50 -0.03 6.04
CA LEU A 29 4.55 -0.09 7.05
C LEU A 29 4.36 1.01 8.10
N GLY A 30 4.59 2.25 7.68
CA GLY A 30 4.44 3.37 8.59
C GLY A 30 4.85 4.69 7.96
N GLY A 1 6.36 -7.80 2.85
CA GLY A 1 6.71 -9.13 3.32
C GLY A 1 5.70 -9.67 4.32
N ASN A 2 5.18 -8.79 5.17
CA ASN A 2 4.20 -9.18 6.18
C ASN A 2 2.81 -9.28 5.58
N ALA A 3 2.19 -10.45 5.72
CA ALA A 3 0.85 -10.67 5.19
C ALA A 3 -0.14 -9.67 5.75
N ALA A 4 0.08 -9.25 7.00
CA ALA A 4 -0.79 -8.30 7.65
C ALA A 4 -0.64 -6.90 7.04
N CYS A 5 0.58 -6.55 6.70
CA CYS A 5 0.87 -5.25 6.10
C CYS A 5 0.19 -5.12 4.73
N VAL A 6 0.26 -6.18 3.94
CA VAL A 6 -0.33 -6.19 2.61
C VAL A 6 -1.81 -5.84 2.68
N ILE A 7 -2.51 -6.40 3.66
CA ILE A 7 -3.94 -6.14 3.84
C ILE A 7 -4.18 -4.70 4.25
N GLY A 8 -3.17 -4.08 4.86
CA GLY A 8 -3.30 -2.70 5.29
C GLY A 8 -3.71 -1.77 4.17
N CYS A 9 -3.05 -1.92 3.02
CA CYS A 9 -3.35 -1.09 1.86
C CYS A 9 -3.76 -1.95 0.66
N ILE A 10 -5.02 -2.38 0.66
CA ILE A 10 -5.53 -3.21 -0.42
C ILE A 10 -5.52 -2.45 -1.75
N GLY A 11 -6.18 -1.30 -1.78
CA GLY A 11 -6.22 -0.50 -2.98
C GLY A 11 -6.23 0.99 -2.70
N SER A 12 -5.67 1.37 -1.54
CA SER A 12 -5.62 2.77 -1.15
C SER A 12 -4.97 3.62 -2.24
N CYS A 13 -3.99 3.04 -2.93
CA CYS A 13 -3.28 3.74 -4.00
C CYS A 13 -4.20 3.96 -5.20
N VAL A 14 -5.18 3.08 -5.36
CA VAL A 14 -6.13 3.19 -6.46
C VAL A 14 -6.76 4.57 -6.52
N ILE A 15 -7.12 5.10 -5.35
CA ILE A 15 -7.73 6.42 -5.27
C ILE A 15 -6.77 7.50 -5.74
N SER A 16 -5.47 7.24 -5.61
CA SER A 16 -4.46 8.19 -6.02
C SER A 16 -3.88 7.82 -7.39
N GLU A 17 -4.71 7.19 -8.22
CA GLU A 17 -4.28 6.78 -9.55
C GLU A 17 -2.96 6.00 -9.49
N GLY A 18 -2.76 5.28 -8.39
CA GLY A 18 -1.55 4.50 -8.22
C GLY A 18 -0.29 5.34 -8.41
N ILE A 19 -0.41 6.64 -8.16
CA ILE A 19 0.72 7.55 -8.31
C ILE A 19 1.74 7.35 -7.19
N GLY A 20 1.27 6.82 -6.06
CA GLY A 20 2.16 6.57 -4.93
C GLY A 20 1.77 5.34 -4.14
N SER A 21 1.59 4.22 -4.84
CA SER A 21 1.20 2.97 -4.19
C SER A 21 2.31 2.47 -3.29
N LEU A 22 3.55 2.53 -3.78
CA LEU A 22 4.70 2.08 -3.01
C LEU A 22 4.83 2.85 -1.70
N VAL A 23 4.20 4.02 -1.64
CA VAL A 23 4.23 4.85 -0.45
C VAL A 23 3.18 4.39 0.56
N GLY A 24 2.27 3.53 0.12
CA GLY A 24 1.23 3.03 1.00
C GLY A 24 1.28 1.52 1.16
N THR A 25 0.90 0.81 0.11
CA THR A 25 0.91 -0.64 0.13
C THR A 25 2.24 -1.19 0.61
N ALA A 26 3.33 -0.51 0.24
CA ALA A 26 4.66 -0.92 0.63
C ALA A 26 5.02 -0.38 2.02
N PHE A 27 4.35 0.71 2.41
CA PHE A 27 4.61 1.33 3.70
C PHE A 27 4.52 0.30 4.83
N DTH A 28 3.70 -0.71 4.62
CA DTH A 28 3.53 -1.77 5.62
CB DTH A 28 2.73 -1.25 6.84
CG2 DTH A 28 1.52 -0.45 6.41
OG1 DTH A 28 3.58 -0.44 7.66
C DTH A 28 4.86 -2.31 6.08
O DTH A 28 5.01 -2.73 7.23
H DTH A 28 3.19 -0.76 3.79
HB DTH A 28 2.40 -2.11 7.42
HG21 DTH A 28 1.02 -0.96 5.60
HG22 DTH A 28 0.84 -0.35 7.24
HG23 DTH A 28 1.84 0.53 6.08
HG1 DTH A 28 3.64 0.44 7.30
N LEU A 29 5.85 -2.31 5.18
CA LEU A 29 7.18 -2.80 5.50
C LEU A 29 7.99 -1.74 6.24
N GLY A 30 7.60 -1.45 7.47
CA GLY A 30 8.30 -0.46 8.26
C GLY A 30 8.00 -0.59 9.74
N GLY A 1 7.37 -5.92 5.79
CA GLY A 1 7.02 -7.17 5.14
C GLY A 1 5.99 -7.96 5.91
N ASN A 2 5.14 -7.26 6.64
CA ASN A 2 4.10 -7.91 7.43
C ASN A 2 2.94 -8.35 6.56
N ALA A 3 2.40 -9.54 6.84
CA ALA A 3 1.29 -10.08 6.08
C ALA A 3 0.04 -9.20 6.23
N ALA A 4 -0.04 -8.50 7.35
CA ALA A 4 -1.17 -7.63 7.63
C ALA A 4 -1.18 -6.42 6.71
N CYS A 5 0.00 -5.84 6.49
CA CYS A 5 0.14 -4.69 5.61
C CYS A 5 -0.28 -5.02 4.18
N VAL A 6 0.00 -6.25 3.77
CA VAL A 6 -0.35 -6.69 2.43
C VAL A 6 -1.84 -6.53 2.16
N ILE A 7 -2.63 -6.56 3.23
CA ILE A 7 -4.08 -6.41 3.11
C ILE A 7 -4.45 -5.04 2.55
N GLY A 8 -3.53 -4.09 2.69
CA GLY A 8 -3.78 -2.75 2.19
C GLY A 8 -2.99 -2.44 0.94
N CYS A 9 -1.99 -3.28 0.65
CA CYS A 9 -1.15 -3.09 -0.52
C CYS A 9 -1.93 -3.34 -1.81
N ILE A 10 -3.07 -4.04 -1.67
CA ILE A 10 -3.91 -4.34 -2.82
C ILE A 10 -4.42 -3.07 -3.49
N GLY A 11 -4.44 -1.97 -2.73
CA GLY A 11 -4.90 -0.71 -3.27
C GLY A 11 -5.14 0.33 -2.19
N SER A 12 -4.08 0.69 -1.47
CA SER A 12 -4.18 1.67 -0.40
C SER A 12 -4.01 3.09 -0.94
N CYS A 13 -2.83 3.36 -1.51
CA CYS A 13 -2.55 4.67 -2.07
C CYS A 13 -3.60 5.08 -3.10
N VAL A 14 -4.01 4.11 -3.91
CA VAL A 14 -5.02 4.36 -4.94
C VAL A 14 -6.23 5.07 -4.36
N ILE A 15 -6.58 4.73 -3.12
CA ILE A 15 -7.72 5.34 -2.45
C ILE A 15 -7.47 6.81 -2.14
N SER A 16 -6.22 7.12 -1.78
CA SER A 16 -5.84 8.49 -1.46
C SER A 16 -5.19 9.17 -2.66
N GLU A 17 -5.50 8.68 -3.86
CA GLU A 17 -4.95 9.25 -5.08
C GLU A 17 -3.43 9.36 -4.99
N GLY A 18 -2.79 8.32 -4.48
CA GLY A 18 -1.35 8.32 -4.33
C GLY A 18 -0.64 7.81 -5.58
N ILE A 19 0.40 8.50 -6.00
CA ILE A 19 1.15 8.11 -7.18
C ILE A 19 2.00 6.88 -6.91
N GLY A 20 2.23 6.60 -5.62
CA GLY A 20 3.03 5.44 -5.26
C GLY A 20 2.18 4.22 -4.98
N SER A 21 1.07 4.08 -5.72
CA SER A 21 0.17 2.95 -5.55
C SER A 21 0.92 1.64 -5.70
N LEU A 22 1.70 1.51 -6.77
CA LEU A 22 2.46 0.31 -7.02
C LEU A 22 3.41 0.01 -5.87
N VAL A 23 4.00 1.06 -5.31
CA VAL A 23 4.93 0.90 -4.19
C VAL A 23 4.19 0.98 -2.86
N GLY A 24 2.87 0.93 -2.91
CA GLY A 24 2.07 0.98 -1.71
C GLY A 24 2.35 -0.17 -0.77
N THR A 25 2.98 -1.22 -1.30
CA THR A 25 3.31 -2.40 -0.50
C THR A 25 4.16 -2.03 0.71
N ALA A 26 4.85 -0.89 0.62
CA ALA A 26 5.69 -0.43 1.71
C ALA A 26 4.87 0.36 2.74
N PHE A 27 3.90 1.13 2.25
CA PHE A 27 3.05 1.92 3.12
C PHE A 27 2.46 1.07 4.25
N DTH A 28 2.23 -0.20 3.95
CA DTH A 28 1.67 -1.12 4.94
CB DTH A 28 0.17 -0.82 5.21
CG2 DTH A 28 -0.57 -0.59 3.91
OG1 DTH A 28 0.06 0.34 6.04
C DTH A 28 2.44 -1.06 6.25
O DTH A 28 1.88 -1.26 7.33
H DTH A 28 2.43 -0.53 3.05
HB DTH A 28 -0.25 -1.66 5.72
HG21 DTH A 28 -0.11 -1.16 3.11
HG22 DTH A 28 -1.60 -0.91 4.03
HG23 DTH A 28 -0.56 0.46 3.66
HG1 DTH A 28 -0.67 0.23 6.64
N LEU A 29 3.74 -0.78 6.15
CA LEU A 29 4.59 -0.69 7.34
C LEU A 29 5.14 0.72 7.51
N GLY A 30 4.24 1.70 7.46
CA GLY A 30 4.66 3.09 7.61
C GLY A 30 4.08 3.98 6.54
N GLY A 1 6.75 -9.82 5.60
CA GLY A 1 6.65 -9.11 6.87
C GLY A 1 5.27 -9.24 7.49
N ASN A 2 4.64 -8.11 7.78
CA ASN A 2 3.32 -8.10 8.38
C ASN A 2 2.24 -8.42 7.34
N ALA A 3 1.26 -9.22 7.74
CA ALA A 3 0.17 -9.59 6.84
C ALA A 3 -0.78 -8.40 6.61
N ALA A 4 -0.94 -7.57 7.63
CA ALA A 4 -1.81 -6.42 7.54
C ALA A 4 -1.26 -5.39 6.55
N CYS A 5 0.06 -5.22 6.56
CA CYS A 5 0.71 -4.27 5.67
C CYS A 5 0.49 -4.65 4.21
N VAL A 6 0.35 -5.95 3.97
CA VAL A 6 0.12 -6.44 2.61
C VAL A 6 -1.11 -5.81 1.98
N ILE A 7 -2.11 -5.51 2.82
CA ILE A 7 -3.34 -4.91 2.35
C ILE A 7 -3.09 -3.53 1.75
N GLY A 8 -2.06 -2.86 2.26
CA GLY A 8 -1.72 -1.53 1.77
C GLY A 8 -1.12 -1.56 0.39
N CYS A 9 -0.64 -2.74 -0.02
CA CYS A 9 -0.02 -2.91 -1.33
C CYS A 9 -1.06 -3.29 -2.37
N ILE A 10 -2.19 -3.81 -1.91
CA ILE A 10 -3.27 -4.22 -2.80
C ILE A 10 -3.79 -3.03 -3.62
N GLY A 11 -4.31 -2.03 -2.92
CA GLY A 11 -4.83 -0.85 -3.60
C GLY A 11 -5.30 0.22 -2.63
N SER A 12 -4.40 0.66 -1.76
CA SER A 12 -4.74 1.68 -0.77
C SER A 12 -4.55 3.08 -1.35
N CYS A 13 -3.32 3.40 -1.73
CA CYS A 13 -3.00 4.70 -2.30
C CYS A 13 -3.93 5.02 -3.48
N VAL A 14 -4.16 4.02 -4.31
CA VAL A 14 -5.04 4.19 -5.48
C VAL A 14 -6.37 4.79 -5.07
N ILE A 15 -6.86 4.40 -3.91
CA ILE A 15 -8.14 4.91 -3.41
C ILE A 15 -8.05 6.39 -3.06
N SER A 16 -6.89 6.80 -2.53
CA SER A 16 -6.68 8.19 -2.16
C SER A 16 -5.86 8.92 -3.21
N GLU A 17 -5.84 8.37 -4.43
CA GLU A 17 -5.11 8.97 -5.52
C GLU A 17 -3.67 9.29 -5.10
N GLY A 18 -2.98 8.28 -4.58
CA GLY A 18 -1.61 8.48 -4.15
C GLY A 18 -0.64 8.63 -5.31
N ILE A 19 0.64 8.76 -4.99
CA ILE A 19 1.66 8.91 -6.02
C ILE A 19 1.89 7.60 -6.77
N GLY A 20 1.97 6.51 -6.01
CA GLY A 20 2.19 5.21 -6.62
C GLY A 20 1.54 4.08 -5.84
N SER A 21 0.32 3.72 -6.23
CA SER A 21 -0.42 2.65 -5.55
C SER A 21 0.41 1.38 -5.49
N LEU A 22 1.11 1.07 -6.58
CA LEU A 22 1.94 -0.13 -6.63
C LEU A 22 3.01 -0.10 -5.56
N VAL A 23 3.32 1.09 -5.05
CA VAL A 23 4.32 1.26 -4.00
C VAL A 23 3.72 0.98 -2.63
N GLY A 24 2.42 0.77 -2.59
CA GLY A 24 1.75 0.50 -1.33
C GLY A 24 2.41 -0.60 -0.54
N THR A 25 2.99 -1.57 -1.25
CA THR A 25 3.65 -2.69 -0.61
C THR A 25 4.66 -2.22 0.43
N ALA A 26 5.33 -1.11 0.13
CA ALA A 26 6.32 -0.54 1.04
C ALA A 26 5.65 0.31 2.12
N PHE A 27 4.50 0.88 1.78
CA PHE A 27 3.76 1.72 2.72
C PHE A 27 3.53 0.99 4.03
N DTH A 28 3.26 -0.31 3.95
CA DTH A 28 3.01 -1.12 5.13
CB DTH A 28 1.65 -0.80 5.77
CG2 DTH A 28 0.56 -0.69 4.71
OG1 DTH A 28 1.73 0.45 6.49
C DTH A 28 4.11 -0.92 6.17
O DTH A 28 3.85 -0.93 7.37
H DTH A 28 3.21 -0.73 3.06
HB DTH A 28 1.39 -1.58 6.47
HG21 DTH A 28 0.90 -1.17 3.80
HG22 DTH A 28 -0.32 -1.20 5.06
HG23 DTH A 28 0.33 0.34 4.52
HG1 DTH A 28 0.85 0.82 6.58
N LEU A 29 5.33 -0.74 5.70
CA LEU A 29 6.48 -0.54 6.59
C LEU A 29 7.20 0.75 6.25
N GLY A 30 6.47 1.72 5.71
CA GLY A 30 7.06 3.00 5.36
C GLY A 30 6.13 3.86 4.53
N GLY A 1 8.77 -7.16 0.37
CA GLY A 1 7.39 -6.86 0.71
C GLY A 1 6.68 -8.04 1.36
N ASN A 2 6.22 -7.83 2.59
CA ASN A 2 5.52 -8.88 3.32
C ASN A 2 4.07 -8.96 2.90
N ALA A 3 3.57 -10.19 2.73
CA ALA A 3 2.19 -10.40 2.32
C ALA A 3 1.22 -9.94 3.40
N ALA A 4 1.68 -10.00 4.65
CA ALA A 4 0.84 -9.58 5.78
C ALA A 4 0.62 -8.08 5.77
N CYS A 5 1.64 -7.34 5.36
CA CYS A 5 1.55 -5.88 5.31
C CYS A 5 0.51 -5.44 4.27
N VAL A 6 0.39 -6.21 3.20
CA VAL A 6 -0.57 -5.90 2.16
C VAL A 6 -1.98 -5.76 2.71
N ILE A 7 -2.24 -6.42 3.84
CA ILE A 7 -3.54 -6.35 4.48
C ILE A 7 -3.83 -4.95 5.02
N GLY A 8 -2.77 -4.22 5.34
CA GLY A 8 -2.91 -2.89 5.86
C GLY A 8 -3.23 -1.86 4.78
N CYS A 9 -2.68 -2.08 3.60
CA CYS A 9 -2.90 -1.18 2.47
C CYS A 9 -3.57 -1.91 1.32
N ILE A 10 -4.85 -2.25 1.49
CA ILE A 10 -5.60 -2.96 0.46
C ILE A 10 -5.73 -2.10 -0.80
N GLY A 11 -5.78 -0.78 -0.60
CA GLY A 11 -5.91 0.11 -1.73
C GLY A 11 -6.37 1.50 -1.32
N SER A 12 -5.62 2.12 -0.42
CA SER A 12 -5.95 3.45 0.07
C SER A 12 -5.36 4.53 -0.85
N CYS A 13 -4.10 4.35 -1.21
CA CYS A 13 -3.42 5.31 -2.09
C CYS A 13 -3.75 5.03 -3.55
N VAL A 14 -4.06 3.77 -3.86
CA VAL A 14 -4.39 3.38 -5.22
C VAL A 14 -5.56 4.21 -5.77
N ILE A 15 -6.46 4.59 -4.88
CA ILE A 15 -7.62 5.38 -5.26
C ILE A 15 -7.22 6.80 -5.66
N SER A 16 -6.00 7.18 -5.27
CA SER A 16 -5.49 8.51 -5.59
C SER A 16 -4.68 8.49 -6.88
N GLU A 17 -4.53 7.31 -7.45
CA GLU A 17 -3.78 7.16 -8.69
C GLU A 17 -2.41 7.83 -8.59
N GLY A 18 -1.72 7.56 -7.48
CA GLY A 18 -0.40 8.14 -7.28
C GLY A 18 0.66 7.09 -7.01
N ILE A 19 1.92 7.51 -7.02
CA ILE A 19 3.04 6.60 -6.78
C ILE A 19 3.03 6.11 -5.34
N GLY A 20 2.42 6.89 -4.46
CA GLY A 20 2.36 6.51 -3.05
C GLY A 20 1.60 5.21 -2.84
N SER A 21 0.85 4.79 -3.84
CA SER A 21 0.08 3.56 -3.75
C SER A 21 0.98 2.33 -3.81
N LEU A 22 1.80 2.26 -4.85
CA LEU A 22 2.72 1.14 -5.03
C LEU A 22 3.60 0.96 -3.79
N VAL A 23 4.00 2.08 -3.19
CA VAL A 23 4.85 2.05 -2.01
C VAL A 23 4.00 1.87 -0.74
N GLY A 24 2.73 2.24 -0.82
CA GLY A 24 1.85 2.12 0.31
C GLY A 24 1.69 0.68 0.77
N THR A 25 1.22 -0.18 -0.13
CA THR A 25 1.03 -1.59 0.19
C THR A 25 2.35 -2.26 0.54
N ALA A 26 3.45 -1.68 0.07
CA ALA A 26 4.78 -2.23 0.32
C ALA A 26 5.31 -1.73 1.67
N PHE A 27 4.78 -0.61 2.13
CA PHE A 27 5.21 -0.03 3.41
C PHE A 27 4.54 -0.73 4.58
N DTH A 28 3.24 -1.00 4.45
CA DTH A 28 2.49 -1.67 5.49
CB DTH A 28 1.01 -1.84 5.10
CG2 DTH A 28 0.37 -0.48 4.83
OG1 DTH A 28 0.30 -2.50 6.15
C DTH A 28 2.58 -0.91 6.80
O DTH A 28 2.39 -1.48 7.88
H DTH A 28 2.79 -0.75 3.61
HB DTH A 28 0.96 -2.43 4.20
HG21 DTH A 28 0.47 0.15 5.70
HG22 DTH A 28 0.86 -0.01 3.99
HG23 DTH A 28 -0.68 -0.62 4.60
HG1 DTH A 28 0.03 -1.87 6.81
N LEU A 29 2.85 0.39 6.71
CA LEU A 29 2.96 1.23 7.90
C LEU A 29 3.97 0.66 8.88
N GLY A 30 5.08 0.13 8.37
CA GLY A 30 6.10 -0.45 9.21
C GLY A 30 7.18 -1.14 8.43
N GLY A 1 7.71 -9.24 2.41
CA GLY A 1 6.28 -9.01 2.28
C GLY A 1 5.48 -9.68 3.38
N ASN A 2 5.07 -8.91 4.38
CA ASN A 2 4.31 -9.44 5.50
C ASN A 2 2.83 -9.56 5.13
N ALA A 3 2.21 -10.65 5.56
CA ALA A 3 0.80 -10.89 5.28
C ALA A 3 -0.07 -9.78 5.86
N ALA A 4 0.41 -9.14 6.92
CA ALA A 4 -0.31 -8.06 7.57
C ALA A 4 -0.37 -6.82 6.67
N CYS A 5 0.79 -6.42 6.17
CA CYS A 5 0.89 -5.26 5.30
C CYS A 5 0.13 -5.49 3.99
N VAL A 6 0.12 -6.73 3.52
CA VAL A 6 -0.58 -7.08 2.29
C VAL A 6 -2.04 -6.66 2.35
N ILE A 7 -2.67 -6.87 3.50
CA ILE A 7 -4.07 -6.51 3.68
C ILE A 7 -4.27 -5.00 3.53
N GLY A 8 -3.20 -4.25 3.75
CA GLY A 8 -3.27 -2.79 3.63
C GLY A 8 -2.72 -2.28 2.32
N CYS A 9 -1.97 -3.14 1.63
CA CYS A 9 -1.38 -2.76 0.35
C CYS A 9 -2.26 -3.20 -0.81
N ILE A 10 -3.54 -3.43 -0.52
CA ILE A 10 -4.50 -3.85 -1.54
C ILE A 10 -4.71 -2.76 -2.58
N GLY A 11 -4.47 -1.52 -2.18
CA GLY A 11 -4.64 -0.40 -3.09
C GLY A 11 -5.34 0.77 -2.44
N SER A 12 -4.71 1.36 -1.42
CA SER A 12 -5.29 2.49 -0.71
C SER A 12 -4.96 3.80 -1.42
N CYS A 13 -3.66 4.05 -1.61
CA CYS A 13 -3.21 5.28 -2.27
C CYS A 13 -3.87 5.43 -3.64
N VAL A 14 -4.25 4.30 -4.24
CA VAL A 14 -4.89 4.32 -5.54
C VAL A 14 -6.09 5.26 -5.56
N ILE A 15 -6.98 5.09 -4.59
CA ILE A 15 -8.17 5.94 -4.48
C ILE A 15 -7.79 7.39 -4.22
N SER A 16 -6.60 7.60 -3.67
CA SER A 16 -6.13 8.94 -3.36
C SER A 16 -5.27 9.50 -4.51
N GLU A 17 -5.33 8.82 -5.65
CA GLU A 17 -4.57 9.24 -6.82
C GLU A 17 -3.11 9.48 -6.46
N GLY A 18 -2.61 8.71 -5.50
CA GLY A 18 -1.23 8.85 -5.07
C GLY A 18 -0.27 8.09 -5.96
N ILE A 19 0.86 8.72 -6.29
CA ILE A 19 1.86 8.09 -7.14
C ILE A 19 2.53 6.92 -6.43
N GLY A 20 2.40 6.89 -5.11
CA GLY A 20 2.99 5.81 -4.33
C GLY A 20 2.03 4.67 -4.08
N SER A 21 1.06 4.52 -4.98
CA SER A 21 0.06 3.47 -4.85
C SER A 21 0.70 2.09 -4.97
N LEU A 22 1.37 1.85 -6.10
CA LEU A 22 2.03 0.57 -6.33
C LEU A 22 3.06 0.28 -5.24
N VAL A 23 3.77 1.31 -4.80
CA VAL A 23 4.77 1.17 -3.77
C VAL A 23 4.17 1.37 -2.38
N GLY A 24 2.85 1.42 -2.32
CA GLY A 24 2.17 1.60 -1.05
C GLY A 24 2.38 0.42 -0.11
N THR A 25 2.82 -0.70 -0.66
CA THR A 25 3.05 -1.91 0.13
C THR A 25 4.11 -1.66 1.20
N ALA A 26 4.95 -0.65 0.97
CA ALA A 26 6.01 -0.31 1.91
C ALA A 26 5.46 0.45 3.11
N PHE A 27 4.28 1.06 2.94
CA PHE A 27 3.65 1.81 4.00
C PHE A 27 3.12 0.88 5.09
N DTH A 28 2.88 -0.38 4.73
CA DTH A 28 2.38 -1.36 5.67
CB DTH A 28 1.07 -0.90 6.32
CG2 DTH A 28 0.32 -2.08 6.94
OG1 DTH A 28 0.23 -0.27 5.35
C DTH A 28 3.40 -1.65 6.76
O DTH A 28 3.08 -2.23 7.79
H DTH A 28 3.04 -0.63 3.79
HB DTH A 28 1.29 -0.20 7.11
HG21 DTH A 28 1.00 -2.91 7.05
HG22 DTH A 28 -0.06 -1.80 7.91
HG23 DTH A 28 -0.50 -2.37 6.30
HG1 DTH A 28 0.05 -0.88 4.63
N LEU A 29 4.63 -1.22 6.53
CA LEU A 29 5.71 -1.43 7.49
C LEU A 29 5.30 -0.94 8.87
N GLY A 30 4.48 0.09 8.91
CA GLY A 30 4.03 0.64 10.18
C GLY A 30 2.95 -0.22 10.83
#